data_3X3X
#
_entry.id   3X3X
#
_cell.length_a   191.658
_cell.length_b   62.890
_cell.length_c   158.006
_cell.angle_alpha   90.000
_cell.angle_beta   117.480
_cell.angle_gamma   90.000
#
_symmetry.space_group_name_H-M   'C 1 2 1'
#
loop_
_entity.id
_entity.type
_entity.pdbx_description
1 polymer 'Phenylethylamine oxidase'
2 non-polymer 'COPPER (II) ION'
3 non-polymer 'SODIUM ION'
4 non-polymer 2-PHENYL-ETHANOL
5 non-polymer GLYCEROL
6 water water
#
_entity_poly.entity_id   1
_entity_poly.type   'polypeptide(L)'
_entity_poly.pdbx_seq_one_letter_code
;ASPFRLASAGEISEVQGILRTAGLLGPEKRIAYLGVLDPARGAGSEAEDRRFRVFIHDVSGARPQEVTVSVTNGTVISAV
ELDTAATGELPVLEEEFEVVEQLLATDERWLKALAARNLDVSKVRVAPLSAGVFEYAEERGRRILRGLAFVQDFPEDSAW
AHPVDGLVAYVDVVSKEVTRVIDTGVFPVPAEHGNYTDPELTGPLRTTQKPISITQPEGPSFTVTGGNHIEWEKWSLDVG
FDVREGVVLHNIAFRDGDRLRPIINRASIAEMVVPYGDPSPIRSWQNYFDTGEYLVGQYANSLELGCDCLGDITYLSPVI
SDAFGNPREIRNGICMHEEDWGILAKHSDLWSGINYTRRNRRMVISFFTTIGN(TYQ)DYGFYWYLYLDGTIEFEAKATG
VVFTSAFPEGGSDNISQLAPGLGAPFHQHIFSARLDMAIDGFTNRVEEEDVVRQTMGPGNERGNAFSRKRTVLTRESEAV
READARTGRTWIISNPESKNRLNEPVGYKLHAHNQPTLLADPGSSIARRAAFATKDLWVTRYADDERYPTGDFVNQHSGG
AGLPSYIAQDRDIDGQDIVVWHTFGLTHFPRVEDWPIMPVDTVGFKLRPEGFFDRSPVLDVPAN
;
_entity_poly.pdbx_strand_id   A,B
#
# COMPACT_ATOMS: atom_id res chain seq x y z
N ALA A 1 11.93 -32.77 -12.27
CA ALA A 1 12.88 -31.68 -12.23
C ALA A 1 12.22 -30.35 -12.58
N SER A 2 11.08 -30.42 -13.25
CA SER A 2 10.43 -29.22 -13.78
C SER A 2 9.89 -28.28 -12.71
N PRO A 3 10.23 -26.99 -12.82
CA PRO A 3 9.79 -25.93 -11.94
C PRO A 3 8.31 -25.60 -12.13
N PHE A 4 7.65 -26.31 -13.04
CA PHE A 4 6.24 -26.07 -13.33
C PHE A 4 5.38 -27.27 -12.93
N ARG A 5 5.98 -28.20 -12.20
CA ARG A 5 5.27 -29.39 -11.77
C ARG A 5 4.12 -29.00 -10.86
N LEU A 6 3.11 -29.86 -10.77
CA LEU A 6 1.99 -29.65 -9.87
C LEU A 6 2.46 -29.65 -8.43
N ALA A 7 1.81 -28.84 -7.60
CA ALA A 7 2.02 -28.93 -6.16
C ALA A 7 1.78 -30.35 -5.67
N SER A 8 2.61 -30.81 -4.74
CA SER A 8 2.41 -32.15 -4.19
C SER A 8 1.82 -32.07 -2.78
N ALA A 9 1.29 -33.19 -2.32
CA ALA A 9 0.79 -33.32 -0.96
C ALA A 9 1.88 -32.97 0.03
N GLY A 10 3.08 -33.47 -0.23
CA GLY A 10 4.22 -33.22 0.65
C GLY A 10 4.58 -31.75 0.71
N GLU A 11 4.50 -31.08 -0.43
CA GLU A 11 4.77 -29.65 -0.46
C GLU A 11 3.75 -28.89 0.39
N ILE A 12 2.48 -29.28 0.29
CA ILE A 12 1.46 -28.59 1.04
C ILE A 12 1.67 -28.83 2.54
N SER A 13 2.02 -30.05 2.91
CA SER A 13 2.35 -30.36 4.30
C SER A 13 3.55 -29.57 4.82
N GLU A 14 4.52 -29.31 3.94
CA GLU A 14 5.66 -28.48 4.31
C GLU A 14 5.21 -27.06 4.61
N VAL A 15 4.33 -26.51 3.77
CA VAL A 15 3.84 -25.16 3.99
C VAL A 15 3.15 -25.03 5.35
N GLN A 16 2.30 -26.01 5.65
CA GLN A 16 1.63 -26.09 6.94
C GLN A 16 2.62 -26.09 8.10
N GLY A 17 3.64 -26.93 8.01
CA GLY A 17 4.65 -27.04 9.03
C GLY A 17 5.47 -25.77 9.23
N ILE A 18 5.87 -25.17 8.12
CA ILE A 18 6.60 -23.92 8.14
C ILE A 18 5.76 -22.82 8.78
N LEU A 19 4.50 -22.73 8.37
CA LEU A 19 3.57 -21.76 8.92
C LEU A 19 3.35 -22.00 10.42
N ARG A 20 3.11 -23.25 10.79
CA ARG A 20 2.90 -23.61 12.21
C ARG A 20 4.09 -23.22 13.06
N THR A 21 5.28 -23.63 12.61
CA THR A 21 6.51 -23.36 13.34
C THR A 21 6.77 -21.88 13.54
N ALA A 22 6.40 -21.09 12.54
CA ALA A 22 6.59 -19.65 12.57
C ALA A 22 5.55 -18.93 13.44
N GLY A 23 4.60 -19.70 13.97
CA GLY A 23 3.59 -19.15 14.87
C GLY A 23 2.39 -18.57 14.14
N LEU A 24 2.25 -18.92 12.86
CA LEU A 24 1.27 -18.25 12.02
C LEU A 24 0.01 -19.07 11.77
N LEU A 25 -0.05 -20.27 12.34
CA LEU A 25 -1.17 -21.17 12.05
C LEU A 25 -1.71 -21.80 13.33
N GLY A 26 -2.06 -20.94 14.29
CA GLY A 26 -2.70 -21.37 15.52
C GLY A 26 -4.12 -21.81 15.25
N PRO A 27 -4.86 -22.17 16.31
CA PRO A 27 -6.18 -22.78 16.18
C PRO A 27 -7.24 -21.85 15.60
N GLU A 28 -7.03 -20.53 15.71
CA GLU A 28 -8.02 -19.57 15.25
C GLU A 28 -7.72 -19.15 13.80
N LYS A 29 -6.70 -19.76 13.21
CA LYS A 29 -6.29 -19.47 11.84
C LYS A 29 -6.93 -20.40 10.80
N ARG A 30 -7.19 -19.82 9.64
CA ARG A 30 -7.70 -20.55 8.49
C ARG A 30 -6.94 -20.15 7.23
N ILE A 31 -6.63 -21.12 6.40
CA ILE A 31 -6.06 -20.83 5.09
C ILE A 31 -7.17 -20.55 4.07
N ALA A 32 -7.21 -19.31 3.60
CA ALA A 32 -8.25 -18.86 2.69
C ALA A 32 -7.78 -19.00 1.26
N TYR A 33 -6.47 -19.03 1.06
CA TYR A 33 -5.90 -19.25 -0.26
C TYR A 33 -4.49 -19.79 -0.09
N LEU A 34 -4.19 -20.83 -0.85
CA LEU A 34 -2.83 -21.36 -0.88
C LEU A 34 -2.52 -21.85 -2.29
N GLY A 35 -1.40 -21.38 -2.83
CA GLY A 35 -1.04 -21.73 -4.18
C GLY A 35 0.46 -21.63 -4.38
N VAL A 36 0.98 -22.39 -5.35
CA VAL A 36 2.40 -22.32 -5.64
C VAL A 36 2.66 -21.17 -6.61
N LEU A 37 3.81 -20.53 -6.45
CA LEU A 37 4.19 -19.38 -7.26
C LEU A 37 5.01 -19.83 -8.45
N ASP A 38 4.69 -19.28 -9.62
CA ASP A 38 5.44 -19.60 -10.83
C ASP A 38 6.89 -19.19 -10.71
N PRO A 39 7.76 -19.89 -11.44
CA PRO A 39 9.18 -19.53 -11.54
C PRO A 39 9.35 -18.09 -11.99
N ALA A 40 10.37 -17.42 -11.47
CA ALA A 40 10.60 -16.02 -11.77
C ALA A 40 11.22 -15.86 -13.15
N ARG A 41 11.18 -14.63 -13.67
CA ARG A 41 11.79 -14.27 -14.94
C ARG A 41 13.30 -14.19 -14.83
N GLY A 42 13.98 -14.45 -15.95
CA GLY A 42 15.44 -14.45 -15.97
C GLY A 42 15.97 -15.57 -15.10
N ALA A 43 15.33 -16.73 -15.20
CA ALA A 43 15.63 -17.86 -14.32
C ALA A 43 16.54 -18.90 -14.99
N GLY A 44 17.24 -18.50 -16.05
CA GLY A 44 18.18 -19.39 -16.70
C GLY A 44 19.45 -19.56 -15.88
N SER A 45 19.29 -19.59 -14.57
CA SER A 45 20.42 -19.63 -13.64
C SER A 45 20.54 -20.99 -12.97
N GLU A 46 19.47 -21.78 -13.05
CA GLU A 46 19.43 -23.10 -12.43
C GLU A 46 19.55 -23.01 -10.91
N ALA A 47 18.45 -22.63 -10.26
CA ALA A 47 18.41 -22.55 -8.81
C ALA A 47 16.96 -22.64 -8.32
N GLU A 48 16.38 -23.83 -8.45
CA GLU A 48 15.00 -24.10 -8.08
C GLU A 48 14.65 -23.63 -6.67
N ASP A 49 13.58 -22.86 -6.54
CA ASP A 49 13.09 -22.43 -5.25
C ASP A 49 11.57 -22.43 -5.24
N ARG A 50 10.98 -23.55 -4.85
CA ARG A 50 9.53 -23.68 -4.78
C ARG A 50 8.94 -22.82 -3.67
N ARG A 51 8.16 -21.82 -4.06
CA ARG A 51 7.52 -20.91 -3.13
C ARG A 51 6.01 -21.03 -3.20
N PHE A 52 5.36 -20.85 -2.06
CA PHE A 52 3.92 -20.86 -1.99
C PHE A 52 3.42 -19.56 -1.37
N ARG A 53 2.30 -19.07 -1.87
CA ARG A 53 1.68 -17.86 -1.36
C ARG A 53 0.44 -18.27 -0.57
N VAL A 54 0.26 -17.68 0.61
CA VAL A 54 -0.84 -18.07 1.48
C VAL A 54 -1.57 -16.84 2.00
N PHE A 55 -2.90 -16.90 2.00
CA PHE A 55 -3.71 -15.89 2.68
C PHE A 55 -4.25 -16.57 3.92
N ILE A 56 -3.95 -15.99 5.08
CA ILE A 56 -4.35 -16.60 6.33
C ILE A 56 -5.40 -15.76 7.04
N HIS A 57 -6.55 -16.38 7.26
CA HIS A 57 -7.68 -15.76 7.98
C HIS A 57 -7.66 -16.08 9.49
N ASP A 58 -8.17 -15.17 10.30
CA ASP A 58 -8.31 -15.40 11.75
C ASP A 58 -9.76 -15.30 12.19
N VAL A 59 -10.28 -16.36 12.79
CA VAL A 59 -11.70 -16.40 13.15
C VAL A 59 -12.02 -15.68 14.47
N SER A 60 -10.99 -15.21 15.16
CA SER A 60 -11.19 -14.54 16.44
C SER A 60 -11.20 -13.02 16.28
N GLY A 61 -10.99 -12.55 15.06
CA GLY A 61 -11.09 -11.12 14.78
C GLY A 61 -9.76 -10.40 14.63
N ALA A 62 -8.66 -11.13 14.70
CA ALA A 62 -7.36 -10.52 14.46
C ALA A 62 -7.18 -10.30 12.96
N ARG A 63 -6.30 -9.38 12.60
CA ARG A 63 -6.04 -9.08 11.20
C ARG A 63 -5.46 -10.28 10.48
N PRO A 64 -5.80 -10.45 9.19
CA PRO A 64 -5.29 -11.58 8.42
C PRO A 64 -3.86 -11.33 7.92
N GLN A 65 -3.25 -12.35 7.34
CA GLN A 65 -1.89 -12.19 6.87
C GLN A 65 -1.69 -12.72 5.45
N GLU A 66 -0.80 -12.05 4.72
CA GLU A 66 -0.29 -12.60 3.47
C GLU A 66 1.11 -13.12 3.70
N VAL A 67 1.33 -14.38 3.37
CA VAL A 67 2.61 -15.01 3.65
C VAL A 67 3.16 -15.76 2.44
N THR A 68 4.44 -15.56 2.15
CA THR A 68 5.11 -16.35 1.14
C THR A 68 6.16 -17.21 1.82
N VAL A 69 6.19 -18.48 1.51
CA VAL A 69 7.15 -19.39 2.13
C VAL A 69 7.93 -20.14 1.05
N SER A 70 9.13 -20.60 1.39
CA SER A 70 9.89 -21.47 0.50
C SER A 70 9.84 -22.89 1.02
N VAL A 71 9.32 -23.82 0.23
CA VAL A 71 9.29 -25.23 0.65
C VAL A 71 10.60 -25.92 0.28
N THR A 72 11.47 -25.18 -0.36
CA THR A 72 12.81 -25.66 -0.67
C THR A 72 13.69 -25.45 0.55
N ASN A 73 13.67 -24.23 1.09
CA ASN A 73 14.51 -23.84 2.20
C ASN A 73 13.82 -23.97 3.55
N GLY A 74 12.51 -24.18 3.53
CA GLY A 74 11.74 -24.29 4.75
C GLY A 74 11.63 -22.99 5.51
N THR A 75 11.65 -21.87 4.78
CA THR A 75 11.68 -20.55 5.41
C THR A 75 10.45 -19.71 5.07
N VAL A 76 10.13 -18.78 5.95
CA VAL A 76 9.14 -17.75 5.65
C VAL A 76 9.83 -16.59 4.97
N ILE A 77 9.46 -16.35 3.72
CA ILE A 77 10.07 -15.29 2.92
C ILE A 77 9.54 -13.93 3.37
N SER A 78 8.23 -13.88 3.57
CA SER A 78 7.57 -12.64 3.96
C SER A 78 6.26 -12.94 4.66
N ALA A 79 5.95 -12.17 5.69
CA ALA A 79 4.69 -12.26 6.38
C ALA A 79 4.18 -10.86 6.69
N VAL A 80 3.07 -10.49 6.07
CA VAL A 80 2.57 -9.13 6.17
C VAL A 80 1.15 -9.12 6.71
N GLU A 81 0.94 -8.35 7.77
CA GLU A 81 -0.39 -8.18 8.32
C GLU A 81 -1.21 -7.26 7.42
N LEU A 82 -2.39 -7.72 7.03
CA LEU A 82 -3.22 -7.00 6.08
C LEU A 82 -4.20 -6.07 6.76
N ASP A 83 -4.42 -4.91 6.16
CA ASP A 83 -5.46 -4.00 6.59
C ASP A 83 -6.60 -4.10 5.58
N THR A 84 -7.64 -4.85 5.92
CA THR A 84 -8.66 -5.24 4.93
C THR A 84 -9.53 -4.07 4.46
N ALA A 85 -9.67 -3.03 5.27
CA ALA A 85 -10.42 -1.85 4.82
C ALA A 85 -9.66 -1.16 3.72
N ALA A 86 -8.33 -1.28 3.77
CA ALA A 86 -7.50 -0.70 2.75
C ALA A 86 -7.44 -1.58 1.51
N THR A 87 -6.97 -2.81 1.67
CA THR A 87 -6.62 -3.61 0.49
C THR A 87 -7.59 -4.75 0.17
N GLY A 88 -8.66 -4.88 0.93
CA GLY A 88 -9.69 -5.89 0.68
C GLY A 88 -9.71 -7.04 1.68
N GLU A 89 -10.87 -7.70 1.78
CA GLU A 89 -11.02 -8.89 2.62
C GLU A 89 -10.55 -10.14 1.86
N LEU A 90 -10.31 -11.20 2.61
CA LEU A 90 -9.82 -12.45 2.04
C LEU A 90 -10.97 -13.21 1.38
N PRO A 91 -10.63 -14.17 0.50
CA PRO A 91 -11.67 -14.94 -0.18
C PRO A 91 -12.61 -15.65 0.79
N VAL A 92 -13.85 -15.84 0.37
CA VAL A 92 -14.82 -16.56 1.19
C VAL A 92 -14.34 -18.00 1.46
N LEU A 93 -14.55 -18.47 2.70
CA LEU A 93 -14.20 -19.85 3.06
C LEU A 93 -15.39 -20.77 2.83
N GLU A 94 -15.11 -22.00 2.42
CA GLU A 94 -16.20 -22.96 2.26
C GLU A 94 -16.90 -23.18 3.58
N GLU A 95 -16.13 -23.17 4.67
CA GLU A 95 -16.72 -23.43 5.99
C GLU A 95 -17.62 -22.29 6.44
N GLU A 96 -17.59 -21.17 5.71
CA GLU A 96 -18.46 -20.04 6.01
C GLU A 96 -19.81 -20.11 5.26
N PHE A 97 -19.94 -21.05 4.34
CA PHE A 97 -21.16 -21.16 3.52
C PHE A 97 -22.40 -21.37 4.40
N GLU A 98 -22.23 -22.15 5.47
CA GLU A 98 -23.34 -22.50 6.36
C GLU A 98 -23.57 -21.46 7.44
N VAL A 99 -22.60 -20.58 7.64
CA VAL A 99 -22.65 -19.65 8.78
C VAL A 99 -23.79 -18.65 8.67
N VAL A 100 -24.06 -18.17 7.46
CA VAL A 100 -25.07 -17.12 7.29
C VAL A 100 -26.42 -17.64 7.74
N GLU A 101 -26.79 -18.82 7.26
CA GLU A 101 -28.05 -19.44 7.66
C GLU A 101 -28.10 -19.65 9.18
N GLN A 102 -26.99 -20.09 9.75
CA GLN A 102 -26.95 -20.41 11.17
C GLN A 102 -27.10 -19.18 12.06
N LEU A 103 -26.47 -18.07 11.66
CA LEU A 103 -26.57 -16.84 12.45
C LEU A 103 -27.97 -16.26 12.39
N LEU A 104 -28.58 -16.31 11.20
CA LEU A 104 -29.90 -15.73 11.02
C LEU A 104 -30.96 -16.56 11.75
N ALA A 105 -30.73 -17.85 11.92
CA ALA A 105 -31.76 -18.73 12.48
C ALA A 105 -32.10 -18.39 13.94
N THR A 106 -31.24 -17.64 14.62
CA THR A 106 -31.55 -17.22 15.99
C THR A 106 -31.77 -15.72 16.11
N ASP A 107 -31.89 -15.04 14.97
CA ASP A 107 -32.10 -13.61 14.96
C ASP A 107 -33.58 -13.28 14.95
N GLU A 108 -34.01 -12.38 15.83
CA GLU A 108 -35.42 -12.05 15.96
C GLU A 108 -36.01 -11.38 14.72
N ARG A 109 -35.26 -10.45 14.11
CA ARG A 109 -35.74 -9.81 12.89
C ARG A 109 -35.95 -10.86 11.81
N TRP A 110 -34.97 -11.73 11.66
CA TRP A 110 -35.04 -12.75 10.61
C TRP A 110 -36.20 -13.73 10.84
N LEU A 111 -36.33 -14.19 12.08
CA LEU A 111 -37.41 -15.10 12.47
C LEU A 111 -38.77 -14.46 12.28
N LYS A 112 -38.83 -13.16 12.53
CA LYS A 112 -40.07 -12.38 12.35
C LYS A 112 -40.48 -12.40 10.88
N ALA A 113 -39.51 -12.08 10.02
CA ALA A 113 -39.73 -12.10 8.60
C ALA A 113 -40.16 -13.47 8.11
N LEU A 114 -39.54 -14.51 8.63
CA LEU A 114 -39.90 -15.87 8.23
C LEU A 114 -41.31 -16.19 8.68
N ALA A 115 -41.62 -15.79 9.91
CA ALA A 115 -42.91 -16.07 10.52
C ALA A 115 -44.06 -15.44 9.74
N ALA A 116 -43.85 -14.23 9.24
CA ALA A 116 -44.85 -13.54 8.43
C ALA A 116 -45.17 -14.35 7.17
N ARG A 117 -44.22 -15.16 6.73
CA ARG A 117 -44.37 -15.91 5.50
C ARG A 117 -44.67 -17.38 5.76
N ASN A 118 -44.80 -17.72 7.03
CA ASN A 118 -45.17 -19.07 7.44
C ASN A 118 -44.17 -20.10 6.98
N LEU A 119 -42.89 -19.75 7.12
CA LEU A 119 -41.82 -20.63 6.72
C LEU A 119 -41.10 -21.17 7.96
N ASP A 120 -41.11 -22.49 8.10
CA ASP A 120 -40.35 -23.16 9.15
C ASP A 120 -38.86 -22.88 8.97
N VAL A 121 -38.22 -22.32 10.00
CA VAL A 121 -36.82 -21.94 9.90
C VAL A 121 -35.92 -23.12 9.55
N SER A 122 -36.32 -24.31 9.99
CA SER A 122 -35.54 -25.51 9.72
C SER A 122 -35.46 -25.82 8.22
N LYS A 123 -36.40 -25.28 7.45
CA LYS A 123 -36.47 -25.55 6.01
C LYS A 123 -35.93 -24.41 5.16
N VAL A 124 -35.45 -23.36 5.81
CA VAL A 124 -34.96 -22.19 5.06
C VAL A 124 -33.44 -22.21 4.92
N ARG A 125 -33.00 -22.40 3.69
CA ARG A 125 -31.61 -22.29 3.30
C ARG A 125 -31.26 -20.84 3.01
N VAL A 126 -30.04 -20.43 3.32
CA VAL A 126 -29.62 -19.08 3.02
C VAL A 126 -28.33 -19.06 2.19
N ALA A 127 -28.42 -18.50 1.00
CA ALA A 127 -27.23 -18.38 0.15
C ALA A 127 -26.19 -17.45 0.77
N PRO A 128 -24.92 -17.90 0.87
CA PRO A 128 -23.83 -17.07 1.37
C PRO A 128 -23.23 -16.21 0.28
N LEU A 129 -23.77 -15.00 0.11
CA LEU A 129 -23.44 -14.16 -1.03
C LEU A 129 -22.44 -13.07 -0.69
N SER A 130 -21.45 -12.89 -1.55
CA SER A 130 -20.49 -11.83 -1.32
C SER A 130 -21.20 -10.48 -1.24
N ALA A 131 -20.65 -9.59 -0.43
CA ALA A 131 -21.30 -8.33 -0.11
C ALA A 131 -21.01 -7.13 -1.03
N GLY A 132 -19.83 -7.09 -1.65
CA GLY A 132 -19.45 -5.91 -2.38
C GLY A 132 -19.30 -4.72 -1.44
N VAL A 133 -19.35 -3.52 -2.02
CA VAL A 133 -19.16 -2.30 -1.27
C VAL A 133 -20.21 -1.28 -1.68
N PHE A 134 -21.07 -0.91 -0.73
CA PHE A 134 -22.11 0.05 -1.03
C PHE A 134 -22.13 1.14 0.05
N GLU A 135 -23.30 1.48 0.58
CA GLU A 135 -23.40 2.68 1.41
C GLU A 135 -23.31 2.40 2.91
N TYR A 136 -22.99 1.17 3.30
CA TYR A 136 -23.09 0.79 4.70
C TYR A 136 -21.76 1.00 5.45
N ALA A 137 -21.68 2.11 6.17
CA ALA A 137 -20.43 2.55 6.81
C ALA A 137 -19.79 1.50 7.73
N GLU A 138 -20.62 0.77 8.45
CA GLU A 138 -20.16 -0.20 9.43
C GLU A 138 -19.46 -1.39 8.80
N GLU A 139 -19.56 -1.51 7.48
CA GLU A 139 -19.05 -2.68 6.76
C GLU A 139 -17.58 -2.55 6.40
N ARG A 140 -17.06 -1.33 6.35
CA ARG A 140 -15.63 -1.16 6.04
C ARG A 140 -14.79 -1.86 7.09
N GLY A 141 -13.90 -2.75 6.65
CA GLY A 141 -13.04 -3.48 7.57
C GLY A 141 -13.70 -4.67 8.23
N ARG A 142 -15.01 -4.85 8.01
CA ARG A 142 -15.74 -6.02 8.52
C ARG A 142 -15.85 -7.11 7.44
N ARG A 143 -15.77 -8.36 7.88
CA ARG A 143 -15.94 -9.49 6.98
C ARG A 143 -17.44 -9.81 6.90
N ILE A 144 -18.10 -9.29 5.87
CA ILE A 144 -19.56 -9.38 5.71
C ILE A 144 -19.97 -10.39 4.65
N LEU A 145 -21.06 -11.12 4.90
CA LEU A 145 -21.71 -11.87 3.82
C LEU A 145 -23.16 -11.44 3.78
N ARG A 146 -23.77 -11.40 2.61
CA ARG A 146 -25.20 -11.12 2.56
C ARG A 146 -25.96 -12.41 2.33
N GLY A 147 -27.21 -12.46 2.77
CA GLY A 147 -27.95 -13.70 2.68
C GLY A 147 -29.31 -13.56 2.03
N LEU A 148 -29.57 -14.42 1.06
CA LEU A 148 -30.90 -14.51 0.42
C LEU A 148 -31.46 -15.90 0.67
N ALA A 149 -32.75 -15.96 0.98
CA ALA A 149 -33.35 -17.21 1.46
C ALA A 149 -34.08 -18.01 0.38
N PHE A 150 -34.01 -19.32 0.49
CA PHE A 150 -34.69 -20.24 -0.44
C PHE A 150 -35.26 -21.40 0.38
N VAL A 151 -36.54 -21.74 0.21
CA VAL A 151 -37.12 -22.82 1.00
C VAL A 151 -36.84 -24.20 0.42
N GLN A 152 -36.49 -25.14 1.31
CA GLN A 152 -36.22 -26.50 0.89
C GLN A 152 -37.22 -27.42 1.60
N ASP A 153 -38.16 -27.98 0.85
CA ASP A 153 -39.29 -28.69 1.47
C ASP A 153 -38.91 -29.99 2.12
N PHE A 154 -37.79 -30.56 1.69
CA PHE A 154 -37.30 -31.83 2.19
C PHE A 154 -35.85 -31.96 1.73
N PRO A 155 -35.09 -32.86 2.36
CA PRO A 155 -33.64 -32.94 2.18
C PRO A 155 -33.17 -32.92 0.72
N GLU A 156 -33.89 -33.61 -0.16
CA GLU A 156 -33.43 -33.71 -1.55
C GLU A 156 -34.10 -32.72 -2.50
N ASP A 157 -34.73 -31.70 -1.93
CA ASP A 157 -35.50 -30.71 -2.69
C ASP A 157 -34.57 -29.62 -3.23
N SER A 158 -34.86 -29.13 -4.43
CA SER A 158 -34.11 -28.01 -5.01
C SER A 158 -34.62 -26.67 -4.49
N ALA A 159 -33.86 -26.09 -3.56
CA ALA A 159 -34.27 -24.84 -2.90
C ALA A 159 -34.49 -23.69 -3.88
N TRP A 160 -33.83 -23.73 -5.04
CA TRP A 160 -33.86 -22.61 -5.95
C TRP A 160 -35.25 -22.38 -6.54
N ALA A 161 -36.12 -23.37 -6.38
CA ALA A 161 -37.44 -23.29 -6.95
C ALA A 161 -38.31 -22.41 -6.04
N HIS A 162 -37.79 -22.15 -4.85
CA HIS A 162 -38.56 -21.49 -3.80
C HIS A 162 -37.87 -20.27 -3.19
N PRO A 163 -37.55 -19.27 -4.00
CA PRO A 163 -36.94 -18.05 -3.45
C PRO A 163 -37.88 -17.27 -2.54
N VAL A 164 -37.32 -16.66 -1.51
CA VAL A 164 -38.07 -15.81 -0.60
C VAL A 164 -37.72 -14.36 -0.92
N ASP A 165 -38.55 -13.72 -1.74
CA ASP A 165 -38.24 -12.34 -2.16
C ASP A 165 -38.68 -11.33 -1.12
N GLY A 166 -38.20 -10.10 -1.27
CA GLY A 166 -38.51 -9.02 -0.35
C GLY A 166 -37.75 -9.09 0.96
N LEU A 167 -36.75 -9.97 1.02
CA LEU A 167 -36.02 -10.19 2.28
C LEU A 167 -34.55 -10.40 1.99
N VAL A 168 -33.70 -9.65 2.70
CA VAL A 168 -32.27 -9.86 2.64
C VAL A 168 -31.68 -9.50 4.01
N ALA A 169 -30.56 -10.13 4.35
CA ALA A 169 -29.90 -9.86 5.60
C ALA A 169 -28.41 -9.79 5.42
N TYR A 170 -27.75 -9.05 6.30
CA TYR A 170 -26.31 -8.87 6.24
C TYR A 170 -25.71 -9.39 7.54
N VAL A 171 -24.58 -10.08 7.45
CA VAL A 171 -23.99 -10.68 8.64
C VAL A 171 -22.49 -10.48 8.67
N ASP A 172 -22.00 -10.16 9.85
CA ASP A 172 -20.57 -10.13 10.10
C ASP A 172 -20.20 -11.54 10.55
N VAL A 173 -19.47 -12.27 9.70
CA VAL A 173 -19.27 -13.70 9.94
C VAL A 173 -18.22 -13.93 11.02
N VAL A 174 -17.46 -12.89 11.32
CA VAL A 174 -16.47 -13.00 12.40
C VAL A 174 -17.07 -12.66 13.78
N SER A 175 -17.69 -11.49 13.92
CA SER A 175 -18.29 -11.10 15.20
C SER A 175 -19.56 -11.89 15.47
N LYS A 176 -20.07 -12.56 14.42
CA LYS A 176 -21.31 -13.32 14.51
C LYS A 176 -22.48 -12.41 14.85
N GLU A 177 -22.44 -11.22 14.26
CA GLU A 177 -23.51 -10.23 14.39
C GLU A 177 -24.30 -10.11 13.11
N VAL A 178 -25.61 -10.19 13.23
CA VAL A 178 -26.48 -9.85 12.11
C VAL A 178 -26.63 -8.33 12.10
N THR A 179 -26.04 -7.69 11.10
CA THR A 179 -25.96 -6.24 11.12
C THR A 179 -27.26 -5.59 10.67
N ARG A 180 -27.88 -6.15 9.64
CA ARG A 180 -29.13 -5.61 9.15
C ARG A 180 -30.05 -6.71 8.66
N VAL A 181 -31.35 -6.50 8.86
CA VAL A 181 -32.35 -7.32 8.20
C VAL A 181 -33.32 -6.40 7.49
N ILE A 182 -33.44 -6.60 6.18
CA ILE A 182 -34.28 -5.73 5.35
C ILE A 182 -35.44 -6.54 4.80
N ASP A 183 -36.65 -6.11 5.13
CA ASP A 183 -37.88 -6.71 4.64
C ASP A 183 -38.68 -5.65 3.91
N THR A 184 -38.76 -5.76 2.59
CA THR A 184 -39.44 -4.75 1.79
C THR A 184 -40.88 -5.12 1.56
N GLY A 185 -41.25 -6.32 2.01
CA GLY A 185 -42.62 -6.79 1.88
C GLY A 185 -42.68 -8.23 1.43
N VAL A 186 -43.76 -8.93 1.78
CA VAL A 186 -43.88 -10.32 1.39
C VAL A 186 -44.20 -10.48 -0.09
N PHE A 187 -43.51 -11.43 -0.72
CA PHE A 187 -43.83 -11.93 -2.03
C PHE A 187 -44.24 -13.37 -1.88
N PRO A 188 -45.21 -13.84 -2.67
CA PRO A 188 -45.48 -15.27 -2.62
C PRO A 188 -44.23 -16.09 -2.91
N VAL A 189 -44.00 -17.15 -2.15
CA VAL A 189 -42.89 -18.05 -2.44
C VAL A 189 -43.35 -19.07 -3.48
N PRO A 190 -42.69 -19.08 -4.66
CA PRO A 190 -43.08 -19.97 -5.75
C PRO A 190 -43.29 -21.40 -5.28
N ALA A 191 -44.40 -22.02 -5.66
CA ALA A 191 -44.76 -23.30 -5.05
C ALA A 191 -44.31 -24.52 -5.84
N GLU A 192 -44.22 -24.43 -7.16
CA GLU A 192 -43.80 -25.56 -7.97
C GLU A 192 -42.39 -26.00 -7.60
N HIS A 193 -42.14 -27.30 -7.54
CA HIS A 193 -40.79 -27.77 -7.29
C HIS A 193 -39.96 -27.76 -8.59
N GLY A 194 -38.65 -27.73 -8.40
CA GLY A 194 -37.70 -27.73 -9.50
C GLY A 194 -36.87 -28.99 -9.52
N ASN A 195 -37.45 -30.11 -9.11
CA ASN A 195 -36.67 -31.33 -8.95
C ASN A 195 -36.56 -32.11 -10.23
N TYR A 196 -35.45 -31.90 -10.93
CA TYR A 196 -35.24 -32.42 -12.28
C TYR A 196 -34.92 -33.92 -12.32
N THR A 197 -34.93 -34.57 -11.16
CA THR A 197 -34.80 -36.03 -11.16
C THR A 197 -36.14 -36.70 -10.84
N ASP A 198 -37.16 -35.90 -10.52
CA ASP A 198 -38.49 -36.43 -10.19
C ASP A 198 -39.23 -36.89 -11.44
N PRO A 199 -39.61 -38.17 -11.48
CA PRO A 199 -40.39 -38.74 -12.59
C PRO A 199 -41.65 -37.93 -12.90
N GLU A 200 -42.24 -37.30 -11.89
CA GLU A 200 -43.40 -36.44 -12.09
C GLU A 200 -43.08 -35.28 -13.03
N LEU A 201 -41.86 -34.78 -12.92
CA LEU A 201 -41.46 -33.61 -13.68
C LEU A 201 -40.79 -33.99 -14.99
N THR A 202 -39.98 -35.06 -14.94
CA THR A 202 -39.24 -35.51 -16.11
C THR A 202 -40.14 -36.27 -17.08
N GLY A 203 -41.12 -36.95 -16.51
CA GLY A 203 -41.93 -37.89 -17.25
C GLY A 203 -41.12 -39.15 -17.47
N PRO A 204 -41.63 -40.06 -18.30
CA PRO A 204 -40.85 -41.28 -18.59
C PRO A 204 -39.58 -40.92 -19.34
N LEU A 205 -38.45 -41.44 -18.87
CA LEU A 205 -37.16 -41.15 -19.50
C LEU A 205 -37.13 -41.71 -20.93
N ARG A 206 -36.29 -41.14 -21.78
CA ARG A 206 -36.19 -41.58 -23.15
C ARG A 206 -35.56 -42.95 -23.26
N THR A 207 -36.07 -43.78 -24.16
CA THR A 207 -35.41 -45.04 -24.48
C THR A 207 -34.86 -45.02 -25.89
N THR A 208 -34.79 -43.84 -26.50
CA THR A 208 -34.46 -43.72 -27.93
C THR A 208 -32.98 -43.51 -28.17
N GLN A 209 -32.25 -43.16 -27.12
CA GLN A 209 -30.83 -42.84 -27.29
C GLN A 209 -30.00 -44.11 -27.34
N LYS A 210 -29.42 -44.36 -28.51
CA LYS A 210 -28.51 -45.48 -28.70
C LYS A 210 -27.11 -45.03 -28.34
N PRO A 211 -26.29 -45.94 -27.81
CA PRO A 211 -24.95 -45.58 -27.33
C PRO A 211 -24.01 -45.11 -28.43
N ILE A 212 -23.07 -44.24 -28.07
CA ILE A 212 -22.00 -43.82 -28.95
C ILE A 212 -20.68 -44.19 -28.29
N SER A 213 -19.89 -45.02 -28.95
CA SER A 213 -18.65 -45.52 -28.37
C SER A 213 -17.42 -44.82 -28.95
N ILE A 214 -16.65 -44.18 -28.06
CA ILE A 214 -15.41 -43.53 -28.47
C ILE A 214 -14.24 -44.21 -27.79
N THR A 215 -13.36 -44.80 -28.58
CA THR A 215 -12.21 -45.53 -28.04
C THR A 215 -10.96 -45.31 -28.87
N GLN A 216 -9.80 -45.57 -28.26
CA GLN A 216 -8.53 -45.49 -28.96
C GLN A 216 -7.75 -46.78 -28.71
N PRO A 217 -7.82 -47.72 -29.65
CA PRO A 217 -7.21 -49.05 -29.48
C PRO A 217 -5.69 -49.04 -29.35
N GLU A 218 -5.03 -47.96 -29.76
CA GLU A 218 -3.59 -47.84 -29.57
C GLU A 218 -3.24 -46.88 -28.43
N GLY A 219 -4.27 -46.36 -27.77
CA GLY A 219 -4.06 -45.36 -26.74
C GLY A 219 -3.97 -43.97 -27.35
N PRO A 220 -3.70 -42.96 -26.53
CA PRO A 220 -3.69 -41.54 -26.95
C PRO A 220 -2.46 -41.15 -27.75
N SER A 221 -2.58 -40.06 -28.52
CA SER A 221 -1.44 -39.58 -29.29
C SER A 221 -0.56 -38.61 -28.49
N PHE A 222 -1.06 -38.18 -27.34
CA PHE A 222 -0.26 -37.30 -26.49
C PHE A 222 0.48 -38.13 -25.44
N THR A 223 1.59 -37.59 -24.94
CA THR A 223 2.28 -38.21 -23.81
C THR A 223 2.23 -37.28 -22.62
N VAL A 224 2.17 -37.87 -21.43
CA VAL A 224 2.31 -37.11 -20.20
C VAL A 224 3.57 -37.56 -19.49
N THR A 225 4.44 -36.60 -19.19
CA THR A 225 5.65 -36.90 -18.44
C THR A 225 5.85 -35.87 -17.35
N GLY A 226 6.56 -36.25 -16.28
CA GLY A 226 6.81 -35.32 -15.20
C GLY A 226 5.51 -34.86 -14.56
N GLY A 227 4.49 -35.70 -14.63
CA GLY A 227 3.23 -35.44 -13.97
C GLY A 227 2.27 -34.55 -14.75
N ASN A 228 2.77 -33.48 -15.35
CA ASN A 228 1.87 -32.53 -16.02
C ASN A 228 2.41 -31.92 -17.30
N HIS A 229 3.47 -32.50 -17.84
CA HIS A 229 3.98 -32.01 -19.11
C HIS A 229 3.37 -32.76 -20.28
N ILE A 230 2.70 -32.02 -21.16
CA ILE A 230 2.01 -32.59 -22.29
C ILE A 230 2.79 -32.37 -23.59
N GLU A 231 2.88 -33.42 -24.39
CA GLU A 231 3.41 -33.31 -25.75
C GLU A 231 2.42 -33.97 -26.69
N TRP A 232 1.99 -33.23 -27.71
CA TRP A 232 0.94 -33.69 -28.62
C TRP A 232 0.99 -32.95 -29.95
N GLU A 233 1.20 -33.71 -31.03
CA GLU A 233 1.11 -33.20 -32.41
C GLU A 233 1.83 -31.87 -32.57
N LYS A 234 3.08 -31.85 -32.11
CA LYS A 234 4.00 -30.72 -32.19
C LYS A 234 3.80 -29.72 -31.04
N TRP A 235 2.68 -29.82 -30.33
CA TRP A 235 2.48 -28.97 -29.15
C TRP A 235 3.24 -29.46 -27.92
N SER A 236 3.69 -28.51 -27.11
CA SER A 236 4.29 -28.78 -25.81
C SER A 236 3.76 -27.77 -24.81
N LEU A 237 3.38 -28.24 -23.62
CA LEU A 237 2.91 -27.34 -22.58
C LEU A 237 2.91 -28.03 -21.22
N ASP A 238 2.77 -27.23 -20.16
CA ASP A 238 2.60 -27.79 -18.82
C ASP A 238 1.22 -27.40 -18.29
N VAL A 239 0.52 -28.37 -17.70
CA VAL A 239 -0.80 -28.10 -17.15
C VAL A 239 -0.71 -27.86 -15.64
N GLY A 240 -0.99 -26.62 -15.23
CA GLY A 240 -0.97 -26.26 -13.82
C GLY A 240 -2.37 -26.22 -13.25
N PHE A 241 -2.44 -26.13 -11.93
CA PHE A 241 -3.71 -25.98 -11.26
C PHE A 241 -3.54 -25.09 -10.05
N ASP A 242 -4.40 -24.07 -9.97
CA ASP A 242 -4.37 -23.14 -8.85
C ASP A 242 -5.75 -23.10 -8.24
N VAL A 243 -5.83 -23.02 -6.92
CA VAL A 243 -7.13 -23.11 -6.26
C VAL A 243 -8.03 -21.92 -6.63
N ARG A 244 -7.44 -20.79 -7.01
CA ARG A 244 -8.20 -19.60 -7.43
C ARG A 244 -8.62 -19.65 -8.91
N GLU A 245 -7.65 -19.84 -9.80
CA GLU A 245 -7.89 -19.74 -11.23
C GLU A 245 -8.36 -21.05 -11.86
N GLY A 246 -8.03 -22.17 -11.21
CA GLY A 246 -8.35 -23.49 -11.73
C GLY A 246 -7.22 -23.97 -12.63
N VAL A 247 -7.57 -24.63 -13.74
CA VAL A 247 -6.55 -25.06 -14.68
C VAL A 247 -5.84 -23.86 -15.34
N VAL A 248 -4.51 -23.92 -15.31
CA VAL A 248 -3.64 -22.91 -15.91
C VAL A 248 -2.69 -23.59 -16.89
N LEU A 249 -2.50 -22.99 -18.05
CA LEU A 249 -1.57 -23.57 -19.01
C LEU A 249 -0.26 -22.79 -19.03
N HIS A 250 0.85 -23.51 -18.99
CA HIS A 250 2.18 -22.91 -18.99
C HIS A 250 2.98 -23.34 -20.20
N ASN A 251 3.79 -22.40 -20.70
CA ASN A 251 4.82 -22.74 -21.69
C ASN A 251 4.26 -23.38 -22.95
N ILE A 252 3.15 -22.84 -23.44
CA ILE A 252 2.54 -23.33 -24.66
C ILE A 252 3.51 -23.01 -25.78
N ALA A 253 3.89 -24.05 -26.52
CA ALA A 253 4.91 -23.94 -27.56
C ALA A 253 4.63 -24.97 -28.65
N PHE A 254 5.18 -24.73 -29.84
CA PHE A 254 4.93 -25.56 -31.00
C PHE A 254 6.28 -25.98 -31.61
N ARG A 255 6.44 -27.29 -31.84
CA ARG A 255 7.67 -27.81 -32.46
C ARG A 255 7.60 -27.65 -33.98
N ASP A 256 8.36 -26.68 -34.49
CA ASP A 256 8.35 -26.38 -35.91
C ASP A 256 9.68 -26.79 -36.54
N GLY A 257 9.70 -27.96 -37.15
CA GLY A 257 10.94 -28.52 -37.64
C GLY A 257 11.83 -28.90 -36.46
N ASP A 258 13.02 -28.31 -36.40
CA ASP A 258 13.94 -28.59 -35.31
C ASP A 258 13.71 -27.69 -34.10
N ARG A 259 12.92 -26.63 -34.28
CA ARG A 259 12.77 -25.59 -33.27
C ARG A 259 11.55 -25.78 -32.37
N LEU A 260 11.72 -25.52 -31.08
CA LEU A 260 10.59 -25.43 -30.16
C LEU A 260 10.22 -23.97 -30.01
N ARG A 261 9.08 -23.59 -30.57
CA ARG A 261 8.75 -22.17 -30.67
C ARG A 261 7.70 -21.78 -29.63
N PRO A 262 8.07 -20.88 -28.70
CA PRO A 262 7.07 -20.48 -27.70
C PRO A 262 5.94 -19.67 -28.33
N ILE A 263 4.74 -19.77 -27.75
CA ILE A 263 3.60 -19.01 -28.24
C ILE A 263 2.95 -18.22 -27.08
N ILE A 264 2.53 -18.93 -26.03
CA ILE A 264 2.00 -18.29 -24.82
C ILE A 264 2.72 -18.81 -23.59
N ASN A 265 3.23 -17.90 -22.77
CA ASN A 265 3.92 -18.28 -21.55
C ASN A 265 2.98 -18.77 -20.44
N ARG A 266 1.86 -18.09 -20.27
CA ARG A 266 0.89 -18.49 -19.28
C ARG A 266 -0.49 -18.09 -19.75
N ALA A 267 -1.43 -19.04 -19.70
CA ALA A 267 -2.84 -18.79 -20.03
C ALA A 267 -3.76 -19.21 -18.90
N SER A 268 -4.65 -18.31 -18.49
CA SER A 268 -5.56 -18.58 -17.38
C SER A 268 -6.81 -17.74 -17.49
N ILE A 269 -7.85 -18.15 -16.76
CA ILE A 269 -9.01 -17.30 -16.58
C ILE A 269 -8.77 -16.65 -15.23
N ALA A 270 -8.40 -15.38 -15.25
CA ALA A 270 -7.84 -14.75 -14.06
C ALA A 270 -8.92 -14.08 -13.23
N GLU A 271 -10.13 -14.01 -13.78
CA GLU A 271 -11.28 -13.52 -13.02
C GLU A 271 -12.55 -13.85 -13.75
N MET A 272 -13.64 -13.97 -13.01
CA MET A 272 -14.94 -13.98 -13.65
C MET A 272 -15.91 -13.32 -12.70
N VAL A 273 -16.89 -12.65 -13.25
CA VAL A 273 -17.84 -11.94 -12.39
C VAL A 273 -19.25 -12.13 -12.93
N VAL A 274 -20.23 -12.18 -12.03
CA VAL A 274 -21.62 -12.32 -12.44
C VAL A 274 -22.42 -11.16 -11.84
N PRO A 275 -22.53 -10.04 -12.59
CA PRO A 275 -23.29 -8.88 -12.12
C PRO A 275 -24.77 -9.04 -12.38
N TYR A 276 -25.59 -8.70 -11.39
CA TYR A 276 -27.03 -8.77 -11.60
C TYR A 276 -27.63 -7.41 -11.95
N GLY A 277 -28.63 -7.42 -12.83
CA GLY A 277 -29.20 -6.18 -13.32
C GLY A 277 -30.62 -5.86 -12.86
N ASP A 278 -31.00 -6.35 -11.69
CA ASP A 278 -32.30 -6.12 -11.05
C ASP A 278 -32.14 -4.98 -10.05
N PRO A 279 -32.87 -3.87 -10.24
CA PRO A 279 -32.69 -2.73 -9.34
C PRO A 279 -33.40 -2.90 -7.98
N SER A 280 -34.03 -4.05 -7.74
CA SER A 280 -34.59 -4.31 -6.39
C SER A 280 -33.48 -4.27 -5.34
N PRO A 281 -33.71 -3.58 -4.21
CA PRO A 281 -32.70 -3.54 -3.12
C PRO A 281 -32.37 -4.93 -2.60
N ILE A 282 -33.25 -5.88 -2.85
CA ILE A 282 -33.05 -7.25 -2.41
C ILE A 282 -31.85 -7.88 -3.13
N ARG A 283 -31.59 -7.41 -4.35
CA ARG A 283 -30.53 -8.00 -5.17
C ARG A 283 -29.64 -7.00 -5.89
N SER A 284 -29.87 -5.69 -5.72
CA SER A 284 -29.14 -4.71 -6.53
C SER A 284 -27.65 -4.59 -6.17
N TRP A 285 -27.26 -5.20 -5.06
CA TRP A 285 -25.89 -5.25 -4.57
C TRP A 285 -25.09 -6.46 -5.09
N GLN A 286 -25.78 -7.38 -5.75
CA GLN A 286 -25.24 -8.70 -6.04
C GLN A 286 -24.36 -8.77 -7.30
N ASN A 287 -23.08 -9.11 -7.09
CA ASN A 287 -22.07 -9.28 -8.15
C ASN A 287 -21.00 -10.24 -7.70
N TYR A 288 -21.20 -11.56 -7.83
CA TYR A 288 -20.17 -12.41 -7.26
C TYR A 288 -19.07 -12.70 -8.26
N PHE A 289 -17.83 -12.59 -7.77
CA PHE A 289 -16.64 -12.96 -8.51
C PHE A 289 -16.29 -14.39 -8.12
N ASP A 290 -16.71 -15.34 -8.94
CA ASP A 290 -16.51 -16.75 -8.58
C ASP A 290 -15.03 -17.09 -8.42
N THR A 291 -14.21 -16.55 -9.31
CA THR A 291 -12.77 -16.76 -9.21
C THR A 291 -12.16 -15.98 -8.03
N GLY A 292 -12.23 -14.65 -8.09
CA GLY A 292 -11.60 -13.80 -7.09
C GLY A 292 -12.12 -13.87 -5.67
N GLU A 293 -13.43 -14.06 -5.51
CA GLU A 293 -14.02 -14.09 -4.18
C GLU A 293 -14.18 -15.50 -3.64
N TYR A 294 -14.52 -16.46 -4.50
CA TYR A 294 -14.86 -17.80 -4.02
C TYR A 294 -13.81 -18.86 -4.33
N LEU A 295 -12.94 -18.60 -5.32
CA LEU A 295 -11.88 -19.52 -5.77
C LEU A 295 -12.43 -20.76 -6.49
N VAL A 296 -12.53 -20.72 -7.82
CA VAL A 296 -13.23 -21.79 -8.54
C VAL A 296 -12.50 -23.14 -8.51
N GLY A 297 -11.18 -23.10 -8.37
CA GLY A 297 -10.40 -24.33 -8.28
C GLY A 297 -10.76 -25.20 -7.09
N GLN A 298 -11.06 -24.61 -5.94
CA GLN A 298 -11.29 -25.45 -4.76
C GLN A 298 -12.58 -26.25 -4.90
N TYR A 299 -13.45 -25.85 -5.82
CA TYR A 299 -14.72 -26.54 -6.00
C TYR A 299 -14.76 -27.34 -7.30
N ALA A 300 -13.60 -27.62 -7.88
CA ALA A 300 -13.54 -28.48 -9.06
C ALA A 300 -14.14 -29.85 -8.75
N ASN A 301 -14.97 -30.33 -9.68
CA ASN A 301 -15.63 -31.64 -9.56
C ASN A 301 -14.69 -32.80 -9.83
N SER A 302 -14.95 -33.93 -9.19
CA SER A 302 -14.34 -35.19 -9.61
C SER A 302 -15.07 -35.68 -10.85
N LEU A 303 -14.36 -35.78 -11.96
CA LEU A 303 -14.97 -36.11 -13.24
C LEU A 303 -14.99 -37.61 -13.48
N GLU A 304 -16.19 -38.14 -13.74
CA GLU A 304 -16.36 -39.57 -13.91
C GLU A 304 -16.40 -39.99 -15.38
N LEU A 305 -15.80 -41.15 -15.66
CA LEU A 305 -15.78 -41.70 -17.02
C LEU A 305 -17.19 -41.96 -17.55
N GLY A 306 -17.32 -41.89 -18.87
CA GLY A 306 -18.57 -42.19 -19.54
C GLY A 306 -19.65 -41.15 -19.30
N CYS A 307 -19.38 -40.27 -18.34
CA CYS A 307 -20.35 -39.25 -17.97
C CYS A 307 -19.82 -37.85 -18.26
N ASP A 308 -18.69 -37.50 -17.65
CA ASP A 308 -18.10 -36.18 -17.81
C ASP A 308 -17.12 -36.11 -18.96
N CYS A 309 -16.26 -37.11 -19.07
CA CYS A 309 -15.28 -37.13 -20.13
C CYS A 309 -15.32 -38.48 -20.83
N LEU A 310 -15.67 -38.45 -22.12
CA LEU A 310 -15.89 -39.67 -22.90
C LEU A 310 -14.69 -39.95 -23.80
N GLY A 311 -14.34 -41.23 -23.94
CA GLY A 311 -13.23 -41.61 -24.80
C GLY A 311 -12.04 -42.10 -23.99
N ASP A 312 -10.86 -42.01 -24.58
CA ASP A 312 -9.63 -42.38 -23.89
C ASP A 312 -9.13 -41.20 -23.06
N ILE A 313 -9.39 -41.24 -21.77
CA ILE A 313 -9.11 -40.10 -20.91
C ILE A 313 -7.88 -40.32 -20.03
N THR A 314 -7.09 -39.26 -19.88
CA THR A 314 -6.02 -39.23 -18.90
C THR A 314 -6.34 -38.12 -17.91
N TYR A 315 -6.41 -38.48 -16.63
CA TYR A 315 -6.73 -37.52 -15.58
C TYR A 315 -5.52 -36.98 -14.84
N LEU A 316 -5.60 -35.73 -14.43
CA LEU A 316 -4.73 -35.25 -13.35
C LEU A 316 -5.59 -35.16 -12.11
N SER A 317 -4.99 -35.42 -10.95
CA SER A 317 -5.69 -35.26 -9.68
C SER A 317 -4.94 -34.25 -8.83
N PRO A 318 -5.22 -32.95 -9.05
CA PRO A 318 -4.49 -31.87 -8.38
C PRO A 318 -4.71 -31.84 -6.86
N VAL A 319 -3.68 -31.42 -6.13
CA VAL A 319 -3.75 -31.34 -4.69
C VAL A 319 -3.88 -29.91 -4.22
N ILE A 320 -4.82 -29.66 -3.32
CA ILE A 320 -4.98 -28.34 -2.74
C ILE A 320 -4.87 -28.42 -1.22
N SER A 321 -4.88 -27.26 -0.58
CA SER A 321 -4.92 -27.20 0.87
C SER A 321 -6.36 -27.06 1.37
N ASP A 322 -6.67 -27.71 2.49
CA ASP A 322 -7.95 -27.40 3.14
C ASP A 322 -7.73 -26.16 4.01
N ALA A 323 -8.75 -25.77 4.76
CA ALA A 323 -8.66 -24.55 5.56
C ALA A 323 -7.61 -24.64 6.68
N PHE A 324 -7.10 -25.83 6.93
CA PHE A 324 -6.16 -26.04 8.04
C PHE A 324 -4.76 -26.38 7.57
N GLY A 325 -4.58 -26.43 6.26
CA GLY A 325 -3.25 -26.66 5.72
C GLY A 325 -2.98 -28.12 5.35
N ASN A 326 -3.98 -28.97 5.51
CA ASN A 326 -3.84 -30.37 5.12
C ASN A 326 -4.02 -30.52 3.62
N PRO A 327 -3.18 -31.33 2.97
CA PRO A 327 -3.33 -31.59 1.54
C PRO A 327 -4.61 -32.37 1.24
N ARG A 328 -5.35 -31.92 0.24
CA ARG A 328 -6.56 -32.59 -0.21
C ARG A 328 -6.48 -32.77 -1.72
N GLU A 329 -6.66 -34.00 -2.16
CA GLU A 329 -6.61 -34.34 -3.57
C GLU A 329 -7.99 -34.18 -4.20
N ILE A 330 -8.05 -33.49 -5.34
CA ILE A 330 -9.27 -33.50 -6.14
C ILE A 330 -9.12 -34.62 -7.17
N ARG A 331 -9.63 -35.80 -6.85
CA ARG A 331 -9.43 -36.97 -7.71
C ARG A 331 -10.13 -36.80 -9.05
N ASN A 332 -9.38 -37.03 -10.12
CA ASN A 332 -9.86 -36.90 -11.50
C ASN A 332 -10.51 -35.55 -11.74
N GLY A 333 -9.85 -34.50 -11.24
CA GLY A 333 -10.36 -33.14 -11.34
C GLY A 333 -10.02 -32.49 -12.67
N ILE A 334 -9.09 -33.08 -13.41
CA ILE A 334 -8.73 -32.53 -14.71
C ILE A 334 -8.75 -33.60 -15.79
N CYS A 335 -9.48 -33.32 -16.87
CA CYS A 335 -9.56 -34.23 -18.02
C CYS A 335 -8.60 -33.84 -19.13
N MET A 336 -7.91 -34.81 -19.69
CA MET A 336 -7.03 -34.56 -20.83
C MET A 336 -7.27 -35.65 -21.87
N HIS A 337 -7.56 -35.24 -23.10
CA HIS A 337 -7.85 -36.19 -24.16
C HIS A 337 -7.84 -35.49 -25.49
N GLU A 338 -7.74 -36.25 -26.58
CA GLU A 338 -7.84 -35.67 -27.90
C GLU A 338 -9.16 -36.08 -28.53
N GLU A 339 -9.78 -35.14 -29.25
CA GLU A 339 -11.06 -35.35 -29.92
C GLU A 339 -10.91 -35.26 -31.44
N ASP A 340 -11.60 -36.10 -32.19
CA ASP A 340 -11.71 -35.88 -33.62
C ASP A 340 -12.41 -34.55 -33.84
N TRP A 341 -11.95 -33.79 -34.83
CA TRP A 341 -12.57 -32.49 -35.09
C TRP A 341 -12.92 -32.29 -36.56
N GLY A 342 -13.46 -33.34 -37.18
CA GLY A 342 -14.02 -33.21 -38.51
C GLY A 342 -12.94 -33.04 -39.55
N ILE A 343 -13.23 -32.25 -40.58
CA ILE A 343 -12.33 -32.05 -41.71
C ILE A 343 -11.30 -30.95 -41.41
N LEU A 344 -10.03 -31.24 -41.69
CA LEU A 344 -8.95 -30.28 -41.52
C LEU A 344 -8.67 -29.50 -42.80
N ALA A 345 -8.56 -30.21 -43.91
CA ALA A 345 -8.28 -29.59 -45.20
C ALA A 345 -8.78 -30.51 -46.30
N LYS A 346 -9.33 -29.93 -47.36
CA LYS A 346 -9.95 -30.73 -48.41
C LYS A 346 -9.93 -30.00 -49.76
N HIS A 347 -9.53 -30.72 -50.80
CA HIS A 347 -9.63 -30.18 -52.15
C HIS A 347 -9.68 -31.31 -53.17
N SER A 348 -10.63 -31.18 -54.11
CA SER A 348 -10.68 -32.02 -55.31
C SER A 348 -10.41 -31.10 -56.49
N ASP A 349 -9.28 -31.30 -57.16
CA ASP A 349 -8.82 -30.34 -58.15
C ASP A 349 -9.17 -30.73 -59.58
N LEU A 350 -9.77 -29.80 -60.30
CA LEU A 350 -10.30 -30.08 -61.64
C LEU A 350 -9.20 -30.25 -62.70
N TRP A 351 -7.98 -29.81 -62.40
CA TRP A 351 -6.90 -29.86 -63.39
C TRP A 351 -5.84 -30.90 -63.06
N SER A 352 -5.59 -31.14 -61.78
CA SER A 352 -4.58 -32.14 -61.41
C SER A 352 -5.20 -33.52 -61.23
N GLY A 353 -6.52 -33.56 -61.01
CA GLY A 353 -7.22 -34.81 -60.78
C GLY A 353 -7.01 -35.34 -59.37
N ILE A 354 -6.19 -34.65 -58.60
CA ILE A 354 -5.91 -35.07 -57.23
C ILE A 354 -7.07 -34.77 -56.31
N ASN A 355 -7.52 -35.79 -55.58
CA ASN A 355 -8.49 -35.61 -54.51
C ASN A 355 -7.79 -35.81 -53.16
N TYR A 356 -7.99 -34.85 -52.27
CA TYR A 356 -7.22 -34.76 -51.02
C TYR A 356 -8.14 -34.44 -49.86
N THR A 357 -8.05 -35.24 -48.80
CA THR A 357 -8.83 -34.97 -47.59
C THR A 357 -8.02 -35.33 -46.36
N ARG A 358 -7.99 -34.42 -45.39
CA ARG A 358 -7.34 -34.70 -44.12
C ARG A 358 -8.29 -34.37 -43.00
N ARG A 359 -8.19 -35.13 -41.90
CA ARG A 359 -9.04 -34.85 -40.75
C ARG A 359 -8.32 -34.08 -39.68
N ASN A 360 -9.10 -33.37 -38.90
CA ASN A 360 -8.63 -32.49 -37.86
C ASN A 360 -8.78 -33.20 -36.52
N ARG A 361 -8.02 -32.74 -35.53
CA ARG A 361 -8.27 -33.14 -34.15
C ARG A 361 -7.78 -32.03 -33.22
N ARG A 362 -8.25 -32.10 -31.97
CA ARG A 362 -7.85 -31.14 -30.95
C ARG A 362 -7.52 -31.85 -29.66
N MET A 363 -6.55 -31.29 -28.96
CA MET A 363 -6.21 -31.69 -27.61
C MET A 363 -7.06 -30.85 -26.68
N VAL A 364 -7.73 -31.50 -25.73
CA VAL A 364 -8.61 -30.83 -24.78
C VAL A 364 -8.05 -30.96 -23.37
N ILE A 365 -8.02 -29.85 -22.65
CA ILE A 365 -7.71 -29.88 -21.22
C ILE A 365 -8.82 -29.15 -20.49
N SER A 366 -9.49 -29.84 -19.57
CA SER A 366 -10.69 -29.27 -18.98
C SER A 366 -10.94 -29.66 -17.53
N PHE A 367 -11.77 -28.86 -16.87
CA PHE A 367 -12.25 -29.16 -15.52
C PHE A 367 -13.64 -28.55 -15.37
N PHE A 368 -14.39 -29.00 -14.39
CA PHE A 368 -15.73 -28.50 -14.16
C PHE A 368 -15.80 -28.06 -12.72
N THR A 369 -16.40 -26.92 -12.45
CA THR A 369 -16.49 -26.43 -11.07
C THR A 369 -17.93 -26.02 -10.73
N THR A 370 -18.20 -25.93 -9.43
CA THR A 370 -19.52 -25.65 -8.90
C THR A 370 -19.44 -24.57 -7.82
N ILE A 371 -20.21 -23.50 -7.93
CA ILE A 371 -20.19 -22.49 -6.86
C ILE A 371 -21.62 -22.09 -6.51
N GLY A 372 -22.22 -22.85 -5.62
CA GLY A 372 -23.60 -22.62 -5.27
C GLY A 372 -24.54 -23.15 -6.35
N ASN A 373 -25.34 -22.26 -6.91
CA ASN A 373 -26.29 -22.70 -7.92
C ASN A 373 -25.65 -22.94 -9.29
N ASP A 375 -22.70 -23.92 -12.22
CA ASP A 375 -21.63 -24.88 -12.52
C ASP A 375 -21.01 -24.48 -13.84
N TYR A 376 -19.68 -24.51 -13.94
CA TYR A 376 -19.03 -24.20 -15.23
C TYR A 376 -18.02 -25.24 -15.66
N GLY A 377 -17.98 -25.49 -16.96
CA GLY A 377 -16.88 -26.23 -17.53
C GLY A 377 -15.94 -25.25 -18.20
N PHE A 378 -14.65 -25.39 -17.89
CA PHE A 378 -13.59 -24.61 -18.53
C PHE A 378 -12.79 -25.51 -19.45
N TYR A 379 -12.72 -25.15 -20.73
CA TYR A 379 -12.05 -25.97 -21.74
C TYR A 379 -11.01 -25.18 -22.52
N TRP A 380 -9.78 -25.69 -22.52
CA TRP A 380 -8.75 -25.23 -23.45
C TRP A 380 -8.53 -26.25 -24.55
N TYR A 381 -8.40 -25.74 -25.76
CA TYR A 381 -8.19 -26.57 -26.96
C TYR A 381 -6.94 -26.17 -27.71
N LEU A 382 -6.17 -27.16 -28.13
CA LEU A 382 -5.05 -26.98 -29.06
C LEU A 382 -5.34 -27.75 -30.33
N TYR A 383 -5.28 -27.07 -31.48
CA TYR A 383 -5.63 -27.71 -32.77
C TYR A 383 -4.39 -28.06 -33.59
N LEU A 384 -4.56 -28.99 -34.54
CA LEU A 384 -3.43 -29.40 -35.36
C LEU A 384 -2.85 -28.21 -36.11
N ASP A 385 -3.71 -27.29 -36.53
CA ASP A 385 -3.28 -26.21 -37.42
C ASP A 385 -2.67 -25.01 -36.67
N GLY A 386 -2.48 -25.16 -35.37
CA GLY A 386 -1.85 -24.14 -34.55
C GLY A 386 -2.81 -23.23 -33.80
N THR A 387 -4.10 -23.43 -34.01
CA THR A 387 -5.12 -22.66 -33.29
C THR A 387 -5.19 -23.01 -31.80
N ILE A 388 -5.35 -21.97 -30.99
CA ILE A 388 -5.55 -22.09 -29.53
C ILE A 388 -6.91 -21.52 -29.19
N GLU A 389 -7.71 -22.26 -28.42
CA GLU A 389 -9.06 -21.79 -28.15
C GLU A 389 -9.44 -22.09 -26.72
N PHE A 390 -10.24 -21.19 -26.15
CA PHE A 390 -10.86 -21.44 -24.86
C PHE A 390 -12.38 -21.39 -24.98
N GLU A 391 -13.05 -22.20 -24.16
CA GLU A 391 -14.49 -22.23 -24.14
C GLU A 391 -14.98 -22.42 -22.73
N ALA A 392 -15.90 -21.55 -22.31
CA ALA A 392 -16.59 -21.74 -21.05
C ALA A 392 -18.00 -22.26 -21.34
N LYS A 393 -18.41 -23.24 -20.56
CA LYS A 393 -19.73 -23.83 -20.69
C LYS A 393 -20.49 -23.59 -19.39
N ALA A 394 -21.54 -22.79 -19.49
CA ALA A 394 -22.33 -22.40 -18.31
C ALA A 394 -23.58 -23.25 -18.16
N THR A 395 -23.78 -23.81 -16.97
CA THR A 395 -24.95 -24.64 -16.70
C THR A 395 -25.26 -24.49 -15.21
N GLY A 396 -25.85 -25.51 -14.60
CA GLY A 396 -26.37 -25.39 -13.24
C GLY A 396 -27.81 -24.88 -13.18
N VAL A 397 -28.16 -24.26 -12.05
CA VAL A 397 -29.50 -23.73 -11.84
C VAL A 397 -29.47 -22.21 -11.76
N VAL A 398 -30.38 -21.54 -12.44
CA VAL A 398 -30.31 -20.08 -12.48
C VAL A 398 -30.69 -19.52 -11.12
N PHE A 399 -30.10 -18.37 -10.79
CA PHE A 399 -30.43 -17.70 -9.53
C PHE A 399 -31.81 -17.11 -9.64
N THR A 400 -32.67 -17.41 -8.68
CA THR A 400 -34.09 -17.08 -8.84
C THR A 400 -34.57 -15.97 -7.91
N SER A 401 -35.79 -15.51 -8.18
CA SER A 401 -36.46 -14.46 -7.41
C SER A 401 -37.96 -14.69 -7.55
N ALA A 402 -38.76 -13.85 -6.90
CA ALA A 402 -40.16 -13.80 -7.26
C ALA A 402 -40.31 -13.15 -8.63
N PHE A 403 -41.38 -13.49 -9.33
CA PHE A 403 -41.72 -12.73 -10.52
C PHE A 403 -42.83 -11.76 -10.12
N PRO A 404 -42.55 -10.46 -10.25
CA PRO A 404 -43.49 -9.45 -9.76
C PRO A 404 -44.84 -9.52 -10.47
N GLU A 405 -45.90 -9.35 -9.69
CA GLU A 405 -47.22 -9.14 -10.25
C GLU A 405 -47.13 -7.90 -11.13
N GLY A 406 -47.51 -8.03 -12.39
CA GLY A 406 -47.44 -6.90 -13.29
C GLY A 406 -46.15 -6.88 -14.10
N GLY A 407 -45.30 -7.87 -13.88
CA GLY A 407 -44.11 -8.07 -14.70
C GLY A 407 -42.87 -7.30 -14.28
N SER A 408 -41.85 -7.33 -15.14
CA SER A 408 -40.56 -6.72 -14.80
C SER A 408 -39.75 -6.36 -16.04
N ASP A 409 -39.04 -5.25 -15.98
CA ASP A 409 -38.10 -4.84 -17.02
C ASP A 409 -36.71 -5.45 -16.77
N ASN A 410 -36.55 -6.15 -15.65
CA ASN A 410 -35.21 -6.62 -15.25
C ASN A 410 -35.18 -8.07 -14.77
N ILE A 411 -36.32 -8.76 -14.90
CA ILE A 411 -36.49 -10.13 -14.44
C ILE A 411 -37.31 -10.89 -15.45
N SER A 412 -36.99 -12.17 -15.68
CA SER A 412 -37.82 -12.98 -16.58
C SER A 412 -38.57 -14.07 -15.80
N GLN A 413 -39.69 -14.53 -16.34
CA GLN A 413 -40.51 -15.53 -15.64
C GLN A 413 -40.18 -16.93 -16.14
N LEU A 414 -39.96 -17.85 -15.20
CA LEU A 414 -39.53 -19.22 -15.47
C LEU A 414 -40.65 -20.20 -15.24
N ALA A 415 -41.53 -19.84 -14.30
CA ALA A 415 -42.63 -20.68 -13.85
C ALA A 415 -43.59 -19.77 -13.10
N PRO A 416 -44.78 -20.27 -12.73
CA PRO A 416 -45.76 -19.42 -12.04
C PRO A 416 -45.17 -18.75 -10.80
N GLY A 417 -45.13 -17.42 -10.79
CA GLY A 417 -44.57 -16.66 -9.69
C GLY A 417 -43.05 -16.72 -9.52
N LEU A 418 -42.35 -17.41 -10.43
CA LEU A 418 -40.91 -17.63 -10.30
C LEU A 418 -40.11 -16.80 -11.29
N GLY A 419 -39.18 -15.99 -10.78
CA GLY A 419 -38.44 -15.08 -11.65
C GLY A 419 -36.96 -15.36 -11.72
N ALA A 420 -36.33 -14.86 -12.78
CA ALA A 420 -34.90 -14.98 -12.93
C ALA A 420 -34.34 -13.63 -13.31
N PRO A 421 -33.68 -12.96 -12.36
CA PRO A 421 -33.13 -11.62 -12.60
C PRO A 421 -32.08 -11.64 -13.70
N PHE A 422 -32.08 -10.61 -14.54
CA PHE A 422 -31.10 -10.47 -15.63
C PHE A 422 -29.70 -10.35 -15.06
N HIS A 423 -28.71 -10.90 -15.76
CA HIS A 423 -27.34 -10.87 -15.29
C HIS A 423 -26.37 -11.16 -16.44
N GLN A 424 -25.08 -11.00 -16.18
CA GLN A 424 -24.03 -11.35 -17.13
C GLN A 424 -23.09 -12.34 -16.47
N HIS A 425 -22.38 -13.12 -17.28
CA HIS A 425 -21.25 -13.90 -16.80
C HIS A 425 -20.07 -13.39 -17.60
N ILE A 426 -19.14 -12.67 -16.97
CA ILE A 426 -18.04 -12.05 -17.71
C ILE A 426 -16.69 -12.58 -17.21
N PHE A 427 -15.91 -13.10 -18.14
CA PHE A 427 -14.58 -13.68 -17.90
C PHE A 427 -13.44 -12.77 -18.32
N SER A 428 -12.30 -12.91 -17.66
CA SER A 428 -11.07 -12.29 -18.10
C SER A 428 -10.01 -13.36 -18.34
N ALA A 429 -9.61 -13.52 -19.60
CA ALA A 429 -8.47 -14.39 -19.93
C ALA A 429 -7.20 -13.59 -19.83
N ARG A 430 -6.30 -14.03 -18.97
CA ARG A 430 -4.97 -13.43 -18.90
C ARG A 430 -3.99 -14.28 -19.70
N LEU A 431 -3.45 -13.68 -20.77
CA LEU A 431 -2.56 -14.36 -21.69
C LEU A 431 -1.18 -13.70 -21.66
N ASP A 432 -0.28 -14.31 -20.90
CA ASP A 432 1.10 -13.86 -20.84
C ASP A 432 1.77 -14.32 -22.11
N MET A 433 1.92 -13.40 -23.07
CA MET A 433 2.30 -13.76 -24.43
C MET A 433 3.79 -14.02 -24.56
N ALA A 434 4.15 -14.94 -25.45
CA ALA A 434 5.54 -15.19 -25.75
C ALA A 434 5.69 -15.67 -27.19
N ILE A 435 5.19 -14.85 -28.13
CA ILE A 435 5.27 -15.19 -29.54
C ILE A 435 6.73 -15.25 -29.96
N ASP A 436 7.24 -16.47 -30.11
CA ASP A 436 8.64 -16.72 -30.48
C ASP A 436 9.61 -16.07 -29.51
N GLY A 437 9.20 -15.98 -28.25
CA GLY A 437 10.00 -15.31 -27.24
C GLY A 437 9.23 -14.14 -26.65
N PHE A 438 9.87 -13.40 -25.75
CA PHE A 438 9.14 -12.43 -24.95
C PHE A 438 9.03 -11.04 -25.60
N THR A 439 9.79 -10.79 -26.66
CA THR A 439 9.72 -9.48 -27.31
C THR A 439 8.49 -9.41 -28.19
N ASN A 440 7.37 -8.97 -27.62
CA ASN A 440 6.10 -8.94 -28.35
C ASN A 440 5.50 -7.55 -28.48
N ARG A 441 4.55 -7.40 -29.39
CA ARG A 441 3.78 -6.18 -29.52
C ARG A 441 2.37 -6.57 -29.93
N VAL A 442 1.41 -5.68 -29.66
CA VAL A 442 0.04 -5.91 -30.12
C VAL A 442 -0.38 -4.84 -31.14
N GLU A 443 -0.98 -5.27 -32.25
CA GLU A 443 -1.64 -4.37 -33.19
C GLU A 443 -3.16 -4.58 -33.18
N GLU A 444 -3.91 -3.49 -33.22
CA GLU A 444 -5.33 -3.57 -33.50
C GLU A 444 -5.54 -3.53 -35.01
N GLU A 445 -6.19 -4.55 -35.54
CA GLU A 445 -6.46 -4.66 -36.98
C GLU A 445 -7.93 -4.43 -37.31
N ASP A 446 -8.22 -3.41 -38.11
CA ASP A 446 -9.57 -3.14 -38.59
C ASP A 446 -9.68 -3.34 -40.08
N VAL A 447 -10.81 -3.84 -40.54
CA VAL A 447 -11.13 -3.79 -41.96
C VAL A 447 -11.25 -2.31 -42.36
N VAL A 448 -10.80 -1.98 -43.56
CA VAL A 448 -10.92 -0.63 -44.07
C VAL A 448 -11.70 -0.65 -45.37
N ARG A 449 -12.84 0.02 -45.38
CA ARG A 449 -13.61 0.16 -46.59
C ARG A 449 -13.05 1.32 -47.42
N GLN A 450 -13.17 1.19 -48.74
CA GLN A 450 -12.61 2.18 -49.64
C GLN A 450 -13.70 2.75 -50.54
N THR A 451 -13.56 4.04 -50.84
CA THR A 451 -14.55 4.74 -51.66
C THR A 451 -14.28 4.57 -53.14
N MET A 452 -15.36 4.44 -53.90
CA MET A 452 -15.27 4.39 -55.34
C MET A 452 -14.68 5.68 -55.86
N GLY A 453 -13.72 5.59 -56.76
CA GLY A 453 -13.02 6.76 -57.26
C GLY A 453 -11.71 6.34 -57.90
N PRO A 454 -10.83 7.32 -58.15
CA PRO A 454 -9.51 7.06 -58.75
C PRO A 454 -8.73 5.97 -58.02
N GLY A 455 -8.25 4.97 -58.75
CA GLY A 455 -7.52 3.88 -58.13
C GLY A 455 -8.45 2.81 -57.59
N ASN A 456 -9.75 3.09 -57.69
CA ASN A 456 -10.78 2.14 -57.25
C ASN A 456 -12.04 2.40 -58.04
N GLU A 457 -11.90 2.43 -59.36
CA GLU A 457 -12.98 2.93 -60.20
C GLU A 457 -14.22 2.04 -60.18
N ARG A 458 -14.04 0.77 -59.84
CA ARG A 458 -15.19 -0.12 -59.78
C ARG A 458 -15.77 -0.24 -58.36
N GLY A 459 -15.13 0.39 -57.37
CA GLY A 459 -15.69 0.42 -56.02
C GLY A 459 -15.72 -0.93 -55.33
N ASN A 460 -14.72 -1.76 -55.65
CA ASN A 460 -14.66 -3.14 -55.14
C ASN A 460 -13.57 -3.33 -54.09
N ALA A 461 -12.62 -2.40 -54.05
CA ALA A 461 -11.49 -2.53 -53.15
C ALA A 461 -11.90 -2.48 -51.69
N PHE A 462 -11.24 -3.29 -50.88
CA PHE A 462 -11.22 -3.06 -49.45
C PHE A 462 -9.87 -3.51 -48.93
N SER A 463 -9.54 -3.03 -47.74
CA SER A 463 -8.21 -3.23 -47.19
C SER A 463 -8.31 -3.48 -45.70
N ARG A 464 -7.21 -3.20 -45.01
CA ARG A 464 -7.11 -3.38 -43.58
C ARG A 464 -6.10 -2.36 -43.08
N LYS A 465 -6.16 -2.04 -41.80
CA LYS A 465 -5.12 -1.23 -41.18
C LYS A 465 -4.74 -1.85 -39.86
N ARG A 466 -3.48 -1.67 -39.48
CA ARG A 466 -3.00 -2.11 -38.18
C ARG A 466 -2.45 -0.94 -37.38
N THR A 467 -2.84 -0.88 -36.11
CA THR A 467 -2.32 0.12 -35.19
C THR A 467 -1.60 -0.51 -34.02
N VAL A 468 -0.29 -0.29 -33.95
CA VAL A 468 0.53 -0.80 -32.87
C VAL A 468 0.19 -0.08 -31.58
N LEU A 469 -0.03 -0.84 -30.52
CA LEU A 469 -0.27 -0.27 -29.22
C LEU A 469 1.09 -0.12 -28.55
N THR A 470 1.53 1.11 -28.33
CA THR A 470 2.91 1.35 -27.89
C THR A 470 3.08 1.48 -26.37
N ARG A 471 2.04 1.97 -25.69
CA ARG A 471 2.10 2.24 -24.26
C ARG A 471 0.78 1.89 -23.59
N GLU A 472 0.83 1.51 -22.32
CA GLU A 472 -0.35 0.99 -21.66
C GLU A 472 -1.54 1.93 -21.69
N SER A 473 -1.26 3.23 -21.66
CA SER A 473 -2.30 4.26 -21.66
C SER A 473 -3.21 4.17 -22.89
N GLU A 474 -2.69 3.63 -23.97
CA GLU A 474 -3.46 3.56 -25.21
C GLU A 474 -3.79 2.12 -25.58
N ALA A 475 -3.70 1.23 -24.59
CA ALA A 475 -3.86 -0.20 -24.87
C ALA A 475 -5.18 -0.75 -24.31
N VAL A 476 -6.07 0.14 -23.88
CA VAL A 476 -7.39 -0.28 -23.44
C VAL A 476 -8.36 -0.20 -24.61
N ARG A 477 -8.71 -1.36 -25.18
CA ARG A 477 -9.40 -1.42 -26.46
C ARG A 477 -10.81 -1.98 -26.36
N GLU A 478 -11.67 -1.56 -27.28
CA GLU A 478 -13.04 -2.04 -27.34
C GLU A 478 -13.26 -2.79 -28.64
N ALA A 479 -14.22 -3.71 -28.65
CA ALA A 479 -14.58 -4.44 -29.86
C ALA A 479 -15.17 -3.53 -30.93
N ASP A 480 -15.04 -3.96 -32.18
CA ASP A 480 -15.79 -3.37 -33.28
C ASP A 480 -16.11 -4.47 -34.28
N ALA A 481 -17.17 -5.23 -34.01
CA ALA A 481 -17.53 -6.34 -34.87
C ALA A 481 -17.80 -5.89 -36.30
N ARG A 482 -18.39 -4.71 -36.44
CA ARG A 482 -18.83 -4.19 -37.73
C ARG A 482 -17.65 -3.99 -38.68
N THR A 483 -16.48 -3.71 -38.10
CA THR A 483 -15.31 -3.48 -38.92
C THR A 483 -14.32 -4.64 -38.77
N GLY A 484 -14.81 -5.80 -38.34
CA GLY A 484 -14.02 -7.01 -38.21
C GLY A 484 -12.77 -6.89 -37.35
N ARG A 485 -12.87 -6.11 -36.29
CA ARG A 485 -11.69 -5.82 -35.48
C ARG A 485 -11.11 -7.05 -34.77
N THR A 486 -9.81 -7.24 -34.98
CA THR A 486 -9.05 -8.24 -34.25
C THR A 486 -7.79 -7.60 -33.70
N TRP A 487 -7.02 -8.39 -32.96
CA TRP A 487 -5.77 -7.94 -32.37
C TRP A 487 -4.72 -8.98 -32.69
N ILE A 488 -3.58 -8.52 -33.21
CA ILE A 488 -2.46 -9.39 -33.57
C ILE A 488 -1.31 -9.23 -32.58
N ILE A 489 -0.85 -10.34 -32.02
CA ILE A 489 0.33 -10.28 -31.16
C ILE A 489 1.50 -10.76 -31.99
N SER A 490 2.49 -9.91 -32.18
CA SER A 490 3.62 -10.28 -33.00
C SER A 490 4.95 -10.10 -32.29
N ASN A 491 5.97 -10.70 -32.87
CA ASN A 491 7.37 -10.53 -32.48
C ASN A 491 8.10 -9.73 -33.55
N PRO A 492 8.36 -8.45 -33.27
CA PRO A 492 8.97 -7.59 -34.29
C PRO A 492 10.41 -8.02 -34.62
N GLU A 493 11.00 -8.87 -33.79
CA GLU A 493 12.38 -9.30 -34.00
C GLU A 493 12.48 -10.69 -34.61
N SER A 494 11.34 -11.31 -34.89
CA SER A 494 11.35 -12.67 -35.44
C SER A 494 10.47 -12.73 -36.67
N LYS A 495 11.10 -12.86 -37.84
CA LYS A 495 10.37 -12.78 -39.10
C LYS A 495 10.26 -14.15 -39.77
N ASN A 496 9.20 -14.33 -40.55
CA ASN A 496 9.02 -15.55 -41.30
C ASN A 496 9.76 -15.43 -42.62
N ARG A 497 9.65 -16.43 -43.49
CA ARG A 497 10.48 -16.47 -44.68
C ARG A 497 10.12 -15.38 -45.69
N LEU A 498 8.95 -14.78 -45.54
CA LEU A 498 8.56 -13.65 -46.37
C LEU A 498 8.96 -12.35 -45.73
N ASN A 499 9.81 -12.45 -44.71
CA ASN A 499 10.35 -11.30 -43.98
C ASN A 499 9.29 -10.46 -43.26
N GLU A 500 8.19 -11.09 -42.85
CA GLU A 500 7.19 -10.42 -42.01
C GLU A 500 7.30 -10.94 -40.57
N PRO A 501 7.08 -10.06 -39.58
CA PRO A 501 7.11 -10.56 -38.20
C PRO A 501 6.06 -11.66 -37.97
N VAL A 502 6.45 -12.70 -37.24
CA VAL A 502 5.55 -13.79 -36.92
C VAL A 502 4.45 -13.30 -35.98
N GLY A 503 3.24 -13.83 -36.14
CA GLY A 503 2.14 -13.38 -35.31
C GLY A 503 1.05 -14.40 -35.02
N TYR A 504 0.20 -14.03 -34.07
CA TYR A 504 -1.02 -14.76 -33.76
C TYR A 504 -2.15 -13.74 -33.68
N LYS A 505 -3.32 -14.10 -34.22
CA LYS A 505 -4.44 -13.18 -34.25
C LYS A 505 -5.51 -13.63 -33.26
N LEU A 506 -5.89 -12.72 -32.37
CA LEU A 506 -6.97 -12.96 -31.42
C LEU A 506 -8.33 -12.64 -32.06
N HIS A 507 -9.19 -13.65 -32.12
CA HIS A 507 -10.58 -13.52 -32.58
C HIS A 507 -11.57 -13.56 -31.40
N ALA A 508 -12.13 -12.40 -31.06
CA ALA A 508 -13.16 -12.31 -30.03
C ALA A 508 -14.55 -12.62 -30.58
N HIS A 509 -15.44 -13.01 -29.68
CA HIS A 509 -16.84 -13.24 -30.03
C HIS A 509 -17.62 -11.93 -30.11
N ASN A 510 -17.05 -10.85 -29.58
CA ASN A 510 -17.68 -9.52 -29.62
C ASN A 510 -19.05 -9.48 -28.93
N GLN A 511 -19.14 -10.22 -27.83
CA GLN A 511 -20.31 -10.16 -26.93
C GLN A 511 -20.30 -8.85 -26.12
N PRO A 512 -21.46 -8.43 -25.62
CA PRO A 512 -21.49 -7.20 -24.83
C PRO A 512 -20.59 -7.29 -23.64
N THR A 513 -19.97 -6.17 -23.30
CA THR A 513 -19.17 -6.09 -22.09
C THR A 513 -20.07 -5.61 -20.93
N LEU A 514 -19.48 -5.16 -19.82
CA LEU A 514 -20.23 -4.85 -18.61
C LEU A 514 -21.32 -3.80 -18.85
N LEU A 515 -22.56 -4.08 -18.47
CA LEU A 515 -23.67 -3.19 -18.82
C LEU A 515 -23.96 -2.10 -17.81
N ALA A 516 -23.55 -2.32 -16.56
CA ALA A 516 -23.74 -1.37 -15.47
C ALA A 516 -23.32 0.05 -15.82
N ASP A 517 -23.99 1.01 -15.20
CA ASP A 517 -23.63 2.41 -15.35
C ASP A 517 -22.20 2.57 -14.87
N PRO A 518 -21.43 3.43 -15.55
CA PRO A 518 -20.01 3.58 -15.20
C PRO A 518 -19.79 4.15 -13.80
N GLY A 519 -20.81 4.76 -13.21
CA GLY A 519 -20.69 5.27 -11.85
C GLY A 519 -20.99 4.24 -10.78
N SER A 520 -21.34 3.03 -11.19
CA SER A 520 -21.69 1.96 -10.26
C SER A 520 -20.48 1.40 -9.52
N SER A 521 -20.73 0.83 -8.35
CA SER A 521 -19.71 0.13 -7.57
C SER A 521 -19.08 -0.99 -8.40
N ILE A 522 -19.91 -1.71 -9.15
CA ILE A 522 -19.42 -2.86 -9.88
C ILE A 522 -18.57 -2.42 -11.09
N ALA A 523 -18.89 -1.27 -11.69
CA ALA A 523 -18.04 -0.75 -12.76
C ALA A 523 -16.63 -0.42 -12.26
N ARG A 524 -16.52 -0.03 -11.00
CA ARG A 524 -15.24 0.32 -10.42
C ARG A 524 -14.47 -0.92 -9.94
N ARG A 525 -15.21 -1.86 -9.36
CA ARG A 525 -14.62 -3.08 -8.80
C ARG A 525 -14.32 -4.09 -9.90
N ALA A 526 -15.06 -3.98 -11.00
CA ALA A 526 -14.84 -4.85 -12.15
C ALA A 526 -14.54 -4.03 -13.41
N ALA A 527 -13.71 -3.01 -13.29
CA ALA A 527 -13.33 -2.16 -14.41
C ALA A 527 -12.85 -2.92 -15.66
N PHE A 528 -12.18 -4.06 -15.47
CA PHE A 528 -11.71 -4.89 -16.59
C PHE A 528 -12.86 -5.28 -17.48
N ALA A 529 -14.03 -5.45 -16.88
CA ALA A 529 -15.16 -5.99 -17.58
C ALA A 529 -15.78 -4.95 -18.51
N THR A 530 -15.30 -3.71 -18.43
CA THR A 530 -15.89 -2.62 -19.21
C THR A 530 -15.25 -2.46 -20.59
N LYS A 531 -14.14 -3.15 -20.84
CA LYS A 531 -13.45 -3.06 -22.13
C LYS A 531 -13.04 -4.46 -22.59
N ASP A 532 -12.98 -4.68 -23.90
CA ASP A 532 -12.72 -6.02 -24.41
C ASP A 532 -11.28 -6.48 -24.30
N LEU A 533 -10.34 -5.55 -24.37
CA LEU A 533 -8.94 -5.95 -24.42
C LEU A 533 -8.05 -4.95 -23.71
N TRP A 534 -7.20 -5.46 -22.83
CA TRP A 534 -6.18 -4.66 -22.16
C TRP A 534 -4.81 -5.23 -22.44
N VAL A 535 -3.82 -4.37 -22.66
CA VAL A 535 -2.46 -4.86 -22.72
C VAL A 535 -1.60 -4.21 -21.63
N THR A 536 -0.91 -5.04 -20.87
CA THR A 536 0.02 -4.51 -19.88
C THR A 536 1.44 -5.03 -20.09
N ARG A 537 2.39 -4.33 -19.48
CA ARG A 537 3.75 -4.83 -19.35
C ARG A 537 3.80 -5.88 -18.25
N TYR A 538 4.45 -7.02 -18.50
CA TYR A 538 4.55 -8.07 -17.49
C TYR A 538 5.15 -7.55 -16.18
N ALA A 539 4.54 -7.97 -15.06
CA ALA A 539 5.10 -7.76 -13.73
C ALA A 539 4.69 -8.89 -12.82
N ASP A 540 5.61 -9.36 -11.97
CA ASP A 540 5.38 -10.48 -11.06
C ASP A 540 4.11 -10.36 -10.26
N ASP A 541 3.82 -9.15 -9.82
CA ASP A 541 2.77 -8.96 -8.84
C ASP A 541 1.46 -8.49 -9.47
N GLU A 542 1.36 -8.54 -10.79
CA GLU A 542 0.15 -8.14 -11.48
C GLU A 542 -0.54 -9.39 -12.05
N ARG A 543 -1.33 -10.06 -11.19
CA ARG A 543 -1.81 -11.40 -11.49
C ARG A 543 -3.24 -11.43 -11.95
N TYR A 544 -4.06 -10.57 -11.35
CA TYR A 544 -5.50 -10.59 -11.55
C TYR A 544 -5.97 -9.21 -11.97
N PRO A 545 -6.97 -9.15 -12.86
CA PRO A 545 -7.44 -7.85 -13.36
C PRO A 545 -8.19 -7.03 -12.29
N THR A 546 -8.49 -7.71 -11.18
CA THR A 546 -9.27 -7.15 -10.07
C THR A 546 -8.41 -7.00 -8.80
N GLY A 547 -7.11 -7.26 -8.92
CA GLY A 547 -6.23 -7.21 -7.76
C GLY A 547 -6.26 -8.47 -6.92
N ASP A 548 -5.46 -8.51 -5.85
CA ASP A 548 -5.28 -9.74 -5.06
C ASP A 548 -6.46 -10.05 -4.14
N PHE A 549 -7.09 -9.01 -3.60
CA PHE A 549 -8.13 -9.20 -2.60
C PHE A 549 -9.44 -8.56 -3.04
N VAL A 550 -10.25 -9.34 -3.72
CA VAL A 550 -11.42 -8.81 -4.42
C VAL A 550 -12.58 -8.56 -3.46
N ASN A 551 -12.74 -9.47 -2.50
CA ASN A 551 -13.85 -9.44 -1.54
C ASN A 551 -13.94 -8.13 -0.78
N GLN A 552 -15.06 -7.43 -0.96
CA GLN A 552 -15.30 -6.14 -0.31
C GLN A 552 -14.24 -5.06 -0.54
N HIS A 553 -13.56 -5.13 -1.68
CA HIS A 553 -12.62 -4.08 -2.07
C HIS A 553 -13.38 -2.89 -2.67
N SER A 554 -12.97 -1.68 -2.30
CA SER A 554 -13.76 -0.48 -2.60
C SER A 554 -13.69 -0.03 -4.07
N GLY A 555 -12.72 -0.52 -4.82
CA GLY A 555 -12.68 -0.23 -6.23
C GLY A 555 -11.36 0.25 -6.76
N GLY A 556 -11.25 0.26 -8.09
CA GLY A 556 -10.08 0.77 -8.78
C GLY A 556 -8.91 -0.20 -8.81
N ALA A 557 -9.08 -1.36 -8.19
CA ALA A 557 -7.97 -2.31 -8.07
C ALA A 557 -7.69 -3.03 -9.39
N GLY A 558 -6.46 -3.50 -9.55
CA GLY A 558 -6.14 -4.30 -10.71
C GLY A 558 -5.79 -3.47 -11.93
N LEU A 559 -6.31 -3.87 -13.07
CA LEU A 559 -5.93 -3.30 -14.37
C LEU A 559 -5.92 -1.77 -14.44
N PRO A 560 -6.96 -1.10 -13.92
CA PRO A 560 -6.98 0.36 -14.07
C PRO A 560 -5.83 1.02 -13.33
N SER A 561 -5.36 0.35 -12.29
CA SER A 561 -4.22 0.84 -11.54
C SER A 561 -2.94 0.53 -12.29
N TYR A 562 -2.81 -0.71 -12.74
CA TYR A 562 -1.61 -1.15 -13.44
C TYR A 562 -1.31 -0.27 -14.66
N ILE A 563 -2.31 -0.02 -15.51
CA ILE A 563 -2.05 0.74 -16.72
C ILE A 563 -1.68 2.20 -16.47
N ALA A 564 -1.90 2.70 -15.26
CA ALA A 564 -1.49 4.05 -14.92
C ALA A 564 0.03 4.23 -15.03
N GLN A 565 0.76 3.11 -14.97
CA GLN A 565 2.22 3.15 -15.05
C GLN A 565 2.68 3.52 -16.46
N ASP A 566 1.75 3.39 -17.42
CA ASP A 566 1.96 3.81 -18.80
C ASP A 566 3.27 3.27 -19.38
N ARG A 567 3.49 1.99 -19.17
CA ARG A 567 4.74 1.37 -19.57
C ARG A 567 4.81 1.02 -21.05
N ASP A 568 6.04 0.93 -21.57
CA ASP A 568 6.32 0.55 -22.95
C ASP A 568 5.91 -0.91 -23.19
N ILE A 569 5.02 -1.11 -24.16
CA ILE A 569 4.56 -2.44 -24.53
C ILE A 569 4.87 -2.75 -26.01
N ASP A 570 5.71 -1.94 -26.63
CA ASP A 570 6.02 -2.10 -28.05
C ASP A 570 7.37 -2.82 -28.23
N GLY A 571 7.32 -4.14 -28.31
CA GLY A 571 8.50 -4.96 -28.38
C GLY A 571 9.03 -5.32 -27.01
N GLN A 572 8.13 -5.75 -26.14
CA GLN A 572 8.46 -5.97 -24.75
C GLN A 572 7.68 -7.17 -24.23
N ASP A 573 7.97 -7.56 -22.99
CA ASP A 573 7.32 -8.68 -22.32
C ASP A 573 5.92 -8.26 -21.88
N ILE A 574 4.91 -8.70 -22.62
CA ILE A 574 3.56 -8.19 -22.38
C ILE A 574 2.52 -9.26 -22.07
N VAL A 575 1.39 -8.78 -21.58
CA VAL A 575 0.30 -9.63 -21.14
C VAL A 575 -1.00 -9.07 -21.69
N VAL A 576 -1.77 -9.92 -22.36
CA VAL A 576 -3.04 -9.52 -22.94
C VAL A 576 -4.16 -9.99 -22.01
N TRP A 577 -5.09 -9.09 -21.70
CA TRP A 577 -6.24 -9.43 -20.85
C TRP A 577 -7.50 -9.28 -21.66
N HIS A 578 -8.11 -10.39 -22.03
CA HIS A 578 -9.32 -10.36 -22.84
C HIS A 578 -10.57 -10.62 -22.00
N THR A 579 -11.49 -9.65 -22.07
CA THR A 579 -12.81 -9.72 -21.45
C THR A 579 -13.79 -10.32 -22.45
N PHE A 580 -14.53 -11.33 -22.01
CA PHE A 580 -15.55 -11.95 -22.85
C PHE A 580 -16.63 -12.54 -21.97
N GLY A 581 -17.88 -12.49 -22.42
CA GLY A 581 -18.92 -12.93 -21.53
C GLY A 581 -20.27 -13.14 -22.17
N LEU A 582 -21.18 -13.65 -21.36
CA LEU A 582 -22.54 -13.91 -21.78
C LEU A 582 -23.46 -12.94 -21.09
N THR A 583 -24.40 -12.39 -21.84
CA THR A 583 -25.45 -11.58 -21.23
C THR A 583 -26.73 -12.42 -21.19
N HIS A 584 -27.27 -12.64 -19.98
CA HIS A 584 -28.29 -13.66 -19.80
C HIS A 584 -29.66 -13.09 -19.39
N PHE A 585 -30.58 -13.15 -20.36
CA PHE A 585 -32.00 -12.94 -20.12
C PHE A 585 -32.63 -14.33 -20.05
N PRO A 586 -32.79 -14.87 -18.84
CA PRO A 586 -33.13 -16.30 -18.76
C PRO A 586 -34.45 -16.65 -19.43
N ARG A 587 -34.48 -17.84 -20.01
CA ARG A 587 -35.62 -18.32 -20.78
C ARG A 587 -36.31 -19.46 -20.01
N VAL A 588 -37.55 -19.77 -20.37
CA VAL A 588 -38.24 -20.85 -19.68
C VAL A 588 -37.44 -22.16 -19.80
N GLU A 589 -36.73 -22.31 -20.92
CA GLU A 589 -36.00 -23.54 -21.19
C GLU A 589 -34.80 -23.74 -20.28
N ASP A 590 -34.42 -22.66 -19.61
CA ASP A 590 -33.31 -22.67 -18.65
C ASP A 590 -33.75 -23.29 -17.31
N TRP A 591 -35.04 -23.56 -17.19
CA TRP A 591 -35.60 -24.01 -15.92
C TRP A 591 -36.14 -25.43 -16.06
N PRO A 592 -35.92 -26.32 -15.08
CA PRO A 592 -35.35 -26.12 -13.75
C PRO A 592 -33.87 -26.40 -13.63
N ILE A 593 -33.25 -26.87 -14.71
CA ILE A 593 -31.80 -26.96 -14.74
C ILE A 593 -31.42 -26.52 -16.12
N MET A 594 -30.29 -25.80 -16.23
CA MET A 594 -30.00 -25.07 -17.46
C MET A 594 -29.19 -25.86 -18.48
N PRO A 595 -29.69 -25.93 -19.73
CA PRO A 595 -28.86 -26.49 -20.80
C PRO A 595 -27.62 -25.63 -20.96
N VAL A 596 -26.48 -26.27 -21.22
CA VAL A 596 -25.21 -25.58 -21.41
C VAL A 596 -25.30 -24.50 -22.48
N ASP A 597 -24.81 -23.31 -22.15
CA ASP A 597 -24.56 -22.27 -23.13
C ASP A 597 -23.07 -21.96 -23.06
N THR A 598 -22.52 -21.39 -24.13
CA THR A 598 -21.07 -21.25 -24.24
C THR A 598 -20.59 -19.85 -24.65
N VAL A 599 -19.32 -19.57 -24.33
CA VAL A 599 -18.68 -18.34 -24.78
C VAL A 599 -17.17 -18.57 -24.67
N GLY A 600 -16.39 -17.79 -25.40
CA GLY A 600 -14.96 -17.98 -25.42
C GLY A 600 -14.23 -17.10 -26.43
N PHE A 601 -13.10 -17.60 -26.91
CA PHE A 601 -12.25 -16.87 -27.84
C PHE A 601 -11.22 -17.81 -28.44
N LYS A 602 -10.52 -17.36 -29.47
CA LYS A 602 -9.45 -18.18 -30.02
C LYS A 602 -8.34 -17.31 -30.59
N LEU A 603 -7.15 -17.90 -30.72
CA LEU A 603 -6.05 -17.27 -31.47
C LEU A 603 -5.61 -18.21 -32.57
N ARG A 604 -5.40 -17.67 -33.76
CA ARG A 604 -4.89 -18.44 -34.90
C ARG A 604 -3.56 -17.87 -35.36
N PRO A 605 -2.65 -18.75 -35.77
CA PRO A 605 -1.38 -18.24 -36.33
C PRO A 605 -1.62 -17.25 -37.48
N GLU A 606 -0.81 -16.21 -37.53
CA GLU A 606 -0.88 -15.15 -38.54
C GLU A 606 0.53 -14.87 -39.06
N GLY A 607 0.92 -15.69 -40.02
CA GLY A 607 2.28 -15.63 -40.52
C GLY A 607 3.28 -16.11 -39.49
N PHE A 608 2.83 -16.94 -38.57
CA PHE A 608 3.74 -17.55 -37.60
C PHE A 608 4.62 -18.60 -38.29
N PHE A 609 3.98 -19.36 -39.17
CA PHE A 609 4.66 -20.41 -39.94
C PHE A 609 4.99 -19.91 -41.36
N ASP A 610 5.82 -20.64 -42.09
CA ASP A 610 6.18 -20.24 -43.46
C ASP A 610 5.23 -20.82 -44.50
N ARG A 611 4.31 -21.67 -44.05
CA ARG A 611 3.32 -22.32 -44.89
C ARG A 611 2.37 -23.05 -43.94
N SER A 612 1.38 -23.76 -44.45
CA SER A 612 0.51 -24.53 -43.58
C SER A 612 1.30 -25.52 -42.73
N PRO A 613 1.03 -25.55 -41.42
CA PRO A 613 1.78 -26.42 -40.52
C PRO A 613 1.25 -27.85 -40.51
N VAL A 614 0.27 -28.17 -41.35
CA VAL A 614 -0.34 -29.50 -41.30
C VAL A 614 -0.26 -30.24 -42.62
N LEU A 615 0.80 -29.96 -43.37
CA LEU A 615 1.02 -30.65 -44.63
C LEU A 615 1.54 -32.07 -44.40
N ASP A 616 2.06 -32.33 -43.20
CA ASP A 616 2.64 -33.63 -42.91
C ASP A 616 1.66 -34.57 -42.19
N VAL A 617 0.40 -34.16 -42.09
CA VAL A 617 -0.62 -35.01 -41.50
C VAL A 617 -0.98 -36.13 -42.48
N PRO A 618 -0.97 -37.39 -41.99
CA PRO A 618 -1.20 -38.58 -42.82
C PRO A 618 -2.64 -38.69 -43.29
N ALA A 619 -2.91 -39.64 -44.19
CA ALA A 619 -4.20 -39.70 -44.89
C ALA A 619 -5.30 -40.46 -44.14
N ASN A 620 -4.94 -41.20 -43.09
CA ASN A 620 -5.90 -41.98 -42.32
C ASN A 620 -6.43 -43.20 -43.10
N ALA B 1 -7.77 -2.09 15.14
CA ALA B 1 -8.98 -1.33 15.42
C ALA B 1 -8.65 0.13 15.75
N SER B 2 -7.54 0.35 16.45
CA SER B 2 -7.17 1.70 16.87
C SER B 2 -6.85 2.59 15.69
N PRO B 3 -7.50 3.76 15.64
CA PRO B 3 -7.30 4.75 14.58
C PRO B 3 -5.94 5.43 14.73
N PHE B 4 -5.21 5.10 15.79
CA PHE B 4 -3.87 5.68 15.94
C PHE B 4 -2.77 4.67 15.62
N ARG B 5 -3.13 3.51 15.07
CA ARG B 5 -2.13 2.51 14.67
C ARG B 5 -1.23 3.06 13.56
N LEU B 6 -0.03 2.47 13.45
CA LEU B 6 0.91 2.85 12.41
C LEU B 6 0.35 2.56 11.03
N ALA B 7 0.73 3.38 10.06
CA ALA B 7 0.41 3.07 8.67
C ALA B 7 0.98 1.70 8.29
N SER B 8 0.17 0.88 7.61
CA SER B 8 0.62 -0.42 7.14
C SER B 8 1.07 -0.32 5.69
N ALA B 9 1.91 -1.27 5.27
CA ALA B 9 2.33 -1.33 3.87
C ALA B 9 1.13 -1.38 2.95
N GLY B 10 0.12 -2.15 3.36
CA GLY B 10 -1.11 -2.26 2.60
C GLY B 10 -1.78 -0.93 2.37
N GLU B 11 -1.89 -0.12 3.43
CA GLU B 11 -2.51 1.19 3.31
C GLU B 11 -1.75 2.06 2.31
N ILE B 12 -0.43 2.02 2.35
CA ILE B 12 0.35 2.85 1.45
C ILE B 12 0.18 2.37 0.00
N SER B 13 0.14 1.05 -0.17
CA SER B 13 -0.16 0.47 -1.48
C SER B 13 -1.52 0.93 -1.98
N GLU B 14 -2.49 1.01 -1.08
CA GLU B 14 -3.83 1.43 -1.47
C GLU B 14 -3.80 2.89 -1.90
N VAL B 15 -2.99 3.69 -1.21
CA VAL B 15 -2.85 5.09 -1.61
C VAL B 15 -2.28 5.16 -3.01
N GLN B 16 -1.23 4.38 -3.27
CA GLN B 16 -0.66 4.26 -4.61
C GLN B 16 -1.73 3.88 -5.64
N GLY B 17 -2.44 2.79 -5.33
CA GLY B 17 -3.53 2.33 -6.19
C GLY B 17 -4.58 3.38 -6.48
N ILE B 18 -5.06 4.04 -5.43
CA ILE B 18 -6.06 5.10 -5.56
C ILE B 18 -5.58 6.26 -6.44
N LEU B 19 -4.35 6.72 -6.19
CA LEU B 19 -3.78 7.82 -6.95
C LEU B 19 -3.62 7.44 -8.42
N ARG B 20 -3.17 6.22 -8.64
CA ARG B 20 -2.96 5.70 -10.00
C ARG B 20 -4.26 5.66 -10.80
N THR B 21 -5.30 5.11 -10.21
CA THR B 21 -6.58 4.97 -10.88
C THR B 21 -7.24 6.32 -11.12
N ALA B 22 -6.91 7.30 -10.28
CA ALA B 22 -7.46 8.65 -10.40
C ALA B 22 -6.70 9.47 -11.44
N GLY B 23 -5.63 8.91 -11.98
CA GLY B 23 -4.84 9.60 -13.00
C GLY B 23 -3.86 10.60 -12.41
N LEU B 24 -3.56 10.42 -11.13
CA LEU B 24 -2.74 11.37 -10.39
C LEU B 24 -1.31 10.89 -10.16
N LEU B 25 -1.00 9.68 -10.63
CA LEU B 25 0.31 9.10 -10.34
C LEU B 25 0.91 8.33 -11.52
N GLY B 26 1.01 9.00 -12.66
CA GLY B 26 1.70 8.41 -13.80
C GLY B 26 3.20 8.39 -13.59
N PRO B 27 3.94 7.90 -14.60
CA PRO B 27 5.39 7.68 -14.47
C PRO B 27 6.22 8.95 -14.24
N GLU B 28 5.65 10.13 -14.53
CA GLU B 28 6.35 11.40 -14.38
C GLU B 28 6.15 12.00 -12.98
N LYS B 29 5.31 11.35 -12.18
CA LYS B 29 5.03 11.84 -10.83
C LYS B 29 5.96 11.24 -9.79
N ARG B 30 6.17 11.98 -8.70
CA ARG B 30 6.98 11.52 -7.58
C ARG B 30 6.26 11.89 -6.29
N ILE B 31 6.23 10.96 -5.35
CA ILE B 31 5.68 11.26 -4.02
C ILE B 31 6.74 12.01 -3.20
N ALA B 32 6.48 13.28 -2.88
CA ALA B 32 7.47 14.04 -2.10
C ALA B 32 7.18 13.98 -0.61
N TYR B 33 5.92 13.71 -0.29
CA TYR B 33 5.50 13.50 1.09
C TYR B 33 4.27 12.62 1.08
N LEU B 34 4.22 11.66 1.99
CA LEU B 34 3.03 10.86 2.19
C LEU B 34 2.92 10.46 3.65
N GLY B 35 1.74 10.68 4.24
CA GLY B 35 1.54 10.34 5.64
C GLY B 35 0.09 10.21 6.02
N VAL B 36 -0.18 9.45 7.07
CA VAL B 36 -1.55 9.24 7.48
C VAL B 36 -1.98 10.45 8.31
N LEU B 37 -3.24 10.83 8.19
CA LEU B 37 -3.77 11.99 8.91
C LEU B 37 -4.36 11.51 10.23
N ASP B 38 -4.29 12.36 11.25
CA ASP B 38 -4.84 12.02 12.55
C ASP B 38 -6.37 11.99 12.49
N PRO B 39 -7.00 11.16 13.34
CA PRO B 39 -8.46 11.18 13.44
C PRO B 39 -8.97 12.56 13.80
N ALA B 40 -10.13 12.93 13.27
CA ALA B 40 -10.72 14.24 13.54
C ALA B 40 -11.23 14.32 14.98
N ARG B 41 -11.35 15.55 15.48
CA ARG B 41 -11.95 15.78 16.79
C ARG B 41 -13.35 15.18 16.86
N GLY B 42 -13.55 14.28 17.81
CA GLY B 42 -14.87 13.71 18.04
C GLY B 42 -15.21 12.52 17.17
N ALA B 43 -14.19 11.78 16.74
CA ALA B 43 -14.40 10.56 15.95
C ALA B 43 -14.95 9.43 16.84
N GLY B 44 -15.56 9.82 17.95
CA GLY B 44 -16.16 8.88 18.89
C GLY B 44 -17.45 8.28 18.37
N SER B 45 -17.90 8.75 17.21
CA SER B 45 -19.00 8.11 16.50
C SER B 45 -18.59 6.70 16.13
N GLU B 46 -17.28 6.47 16.15
CA GLU B 46 -16.69 5.17 15.88
C GLU B 46 -17.09 4.67 14.50
N ALA B 47 -16.52 5.31 13.49
CA ALA B 47 -16.69 4.92 12.10
C ALA B 47 -15.42 5.32 11.38
N GLU B 48 -14.37 4.53 11.57
CA GLU B 48 -13.02 4.90 11.16
C GLU B 48 -12.90 5.30 9.70
N ASP B 49 -12.18 6.39 9.45
CA ASP B 49 -11.81 6.78 8.09
C ASP B 49 -10.34 7.12 8.07
N ARG B 50 -9.54 6.20 7.55
CA ARG B 50 -8.09 6.41 7.43
C ARG B 50 -7.82 7.24 6.17
N ARG B 51 -7.33 8.46 6.37
CA ARG B 51 -7.03 9.35 5.28
C ARG B 51 -5.54 9.60 5.20
N PHE B 52 -5.04 9.77 3.98
CA PHE B 52 -3.62 10.04 3.77
C PHE B 52 -3.45 11.34 3.00
N ARG B 53 -2.44 12.11 3.38
CA ARG B 53 -2.13 13.35 2.69
C ARG B 53 -0.87 13.10 1.87
N VAL B 54 -0.90 13.53 0.61
CA VAL B 54 0.19 13.29 -0.33
C VAL B 54 0.58 14.59 -1.02
N PHE B 55 1.88 14.85 -1.14
CA PHE B 55 2.38 15.91 -2.02
C PHE B 55 2.99 15.25 -3.25
N ILE B 56 2.50 15.60 -4.43
CA ILE B 56 2.93 14.95 -5.65
C ILE B 56 3.71 15.89 -6.57
N HIS B 57 4.97 15.57 -6.78
CA HIS B 57 5.86 16.32 -7.66
C HIS B 57 5.80 15.75 -9.08
N ASP B 58 5.96 16.64 -10.06
CA ASP B 58 5.97 16.25 -11.46
C ASP B 58 7.33 16.58 -12.09
N VAL B 59 8.03 15.57 -12.59
CA VAL B 59 9.35 15.78 -13.19
C VAL B 59 9.30 16.33 -14.62
N SER B 60 8.11 16.41 -15.19
CA SER B 60 7.97 16.91 -16.56
C SER B 60 7.86 18.44 -16.56
N GLY B 61 7.71 19.02 -15.38
CA GLY B 61 7.59 20.45 -15.24
C GLY B 61 6.19 20.95 -14.89
N ALA B 62 5.24 20.01 -14.78
CA ALA B 62 3.87 20.39 -14.51
C ALA B 62 3.76 20.85 -13.07
N ARG B 63 2.65 21.46 -12.70
CA ARG B 63 2.46 21.89 -11.32
C ARG B 63 2.29 20.68 -10.41
N PRO B 64 2.84 20.80 -9.18
CA PRO B 64 2.67 19.78 -8.15
C PRO B 64 1.25 19.83 -7.59
N GLN B 65 0.85 18.80 -6.86
CA GLN B 65 -0.49 18.73 -6.30
C GLN B 65 -0.49 18.31 -4.84
N GLU B 66 -1.44 18.84 -4.09
CA GLU B 66 -1.72 18.33 -2.76
C GLU B 66 -2.97 17.47 -2.86
N VAL B 67 -2.88 16.22 -2.39
CA VAL B 67 -3.99 15.29 -2.48
C VAL B 67 -4.28 14.61 -1.14
N THR B 68 -5.55 14.49 -0.81
CA THR B 68 -5.97 13.72 0.33
C THR B 68 -6.80 12.57 -0.18
N VAL B 69 -6.44 11.34 0.20
CA VAL B 69 -7.21 10.18 -0.18
C VAL B 69 -7.77 9.47 1.04
N SER B 70 -8.90 8.79 0.87
CA SER B 70 -9.41 7.91 1.91
C SER B 70 -9.08 6.47 1.54
N VAL B 71 -8.12 5.86 2.23
CA VAL B 71 -7.80 4.48 1.92
C VAL B 71 -8.94 3.56 2.36
N THR B 72 -9.70 3.97 3.39
CA THR B 72 -10.87 3.22 3.85
C THR B 72 -11.89 3.03 2.74
N ASN B 73 -12.18 4.11 2.04
CA ASN B 73 -13.23 4.12 1.02
C ASN B 73 -12.71 4.06 -0.41
N GLY B 74 -11.40 4.16 -0.57
CA GLY B 74 -10.78 4.08 -1.88
C GLY B 74 -11.01 5.31 -2.75
N THR B 75 -11.11 6.46 -2.10
CA THR B 75 -11.52 7.67 -2.81
C THR B 75 -10.49 8.79 -2.73
N VAL B 76 -10.58 9.71 -3.68
CA VAL B 76 -9.84 10.96 -3.59
C VAL B 76 -10.75 11.99 -2.94
N ILE B 77 -10.38 12.40 -1.73
CA ILE B 77 -11.16 13.36 -0.98
C ILE B 77 -11.01 14.77 -1.57
N SER B 78 -9.77 15.11 -1.91
CA SER B 78 -9.49 16.41 -2.51
C SER B 78 -8.19 16.34 -3.27
N ALA B 79 -8.09 17.12 -4.34
CA ALA B 79 -6.87 17.18 -5.13
C ALA B 79 -6.74 18.57 -5.73
N VAL B 80 -5.64 19.26 -5.40
CA VAL B 80 -5.50 20.63 -5.85
C VAL B 80 -4.12 20.92 -6.42
N GLU B 81 -4.10 21.68 -7.51
CA GLU B 81 -2.85 22.08 -8.12
C GLU B 81 -2.23 23.20 -7.29
N LEU B 82 -0.93 23.08 -7.05
CA LEU B 82 -0.21 24.04 -6.24
C LEU B 82 0.51 25.08 -7.08
N ASP B 83 0.38 26.33 -6.68
CA ASP B 83 1.09 27.45 -7.26
C ASP B 83 2.30 27.68 -6.37
N THR B 84 3.45 27.14 -6.75
CA THR B 84 4.58 27.10 -5.81
C THR B 84 5.24 28.46 -5.56
N ALA B 85 5.15 29.36 -6.53
CA ALA B 85 5.65 30.71 -6.36
C ALA B 85 4.86 31.44 -5.29
N ALA B 86 3.64 30.97 -5.07
CA ALA B 86 2.76 31.53 -4.05
C ALA B 86 2.90 30.81 -2.71
N THR B 87 2.77 29.49 -2.70
CA THR B 87 2.65 28.78 -1.42
C THR B 87 3.86 27.90 -1.03
N GLY B 88 4.90 27.88 -1.87
CA GLY B 88 6.12 27.16 -1.55
C GLY B 88 6.32 25.94 -2.43
N GLU B 89 7.59 25.55 -2.60
CA GLU B 89 7.93 24.33 -3.32
C GLU B 89 7.78 23.12 -2.42
N LEU B 90 7.76 21.93 -3.01
CA LEU B 90 7.64 20.69 -2.26
C LEU B 90 8.97 20.32 -1.61
N PRO B 91 8.93 19.43 -0.61
CA PRO B 91 10.15 18.95 0.06
C PRO B 91 11.11 18.30 -0.91
N VAL B 92 12.39 18.40 -0.59
CA VAL B 92 13.48 17.84 -1.39
C VAL B 92 13.32 16.34 -1.51
N LEU B 93 13.49 15.82 -2.71
CA LEU B 93 13.50 14.37 -2.92
C LEU B 93 14.89 13.78 -2.67
N GLU B 94 14.97 12.62 -2.02
CA GLU B 94 16.27 11.97 -1.91
C GLU B 94 16.90 11.76 -3.29
N GLU B 95 16.10 11.48 -4.31
CA GLU B 95 16.68 11.22 -5.63
C GLU B 95 17.23 12.49 -6.30
N GLU B 96 16.99 13.65 -5.71
CA GLU B 96 17.59 14.88 -6.22
C GLU B 96 18.94 15.22 -5.56
N PHE B 97 19.31 14.49 -4.51
CA PHE B 97 20.57 14.76 -3.82
C PHE B 97 21.76 14.73 -4.79
N GLU B 98 21.73 13.77 -5.71
CA GLU B 98 22.84 13.53 -6.63
C GLU B 98 22.82 14.44 -7.86
N VAL B 99 21.69 15.10 -8.08
CA VAL B 99 21.50 15.84 -9.33
C VAL B 99 22.34 17.11 -9.42
N VAL B 100 22.59 17.76 -8.30
CA VAL B 100 23.34 19.01 -8.28
C VAL B 100 24.75 18.77 -8.82
N GLU B 101 25.43 17.77 -8.24
CA GLU B 101 26.76 17.39 -8.72
C GLU B 101 26.71 16.98 -10.19
N GLN B 102 25.66 16.23 -10.55
CA GLN B 102 25.55 15.69 -11.89
C GLN B 102 25.43 16.80 -12.93
N LEU B 103 24.60 17.81 -12.65
CA LEU B 103 24.43 18.93 -13.56
C LEU B 103 25.71 19.76 -13.70
N LEU B 104 26.38 19.97 -12.57
CA LEU B 104 27.54 20.86 -12.55
C LEU B 104 28.75 20.24 -13.24
N ALA B 105 28.78 18.92 -13.34
CA ALA B 105 29.92 18.17 -13.89
C ALA B 105 30.19 18.48 -15.36
N THR B 106 29.20 19.00 -16.07
CA THR B 106 29.39 19.31 -17.48
C THR B 106 29.22 20.79 -17.75
N ASP B 107 29.04 21.57 -16.70
CA ASP B 107 28.93 23.03 -16.84
C ASP B 107 30.31 23.67 -16.93
N GLU B 108 30.52 24.42 -18.00
CA GLU B 108 31.84 25.01 -18.27
C GLU B 108 32.33 25.96 -17.16
N ARG B 109 31.41 26.70 -16.53
CA ARG B 109 31.78 27.64 -15.49
C ARG B 109 32.30 26.90 -14.26
N TRP B 110 31.57 25.85 -13.90
CA TRP B 110 31.95 24.98 -12.78
C TRP B 110 33.31 24.38 -13.08
N LEU B 111 33.44 23.82 -14.26
CA LEU B 111 34.72 23.22 -14.66
C LEU B 111 35.86 24.23 -14.65
N LYS B 112 35.59 25.47 -15.05
CA LYS B 112 36.64 26.48 -15.06
C LYS B 112 37.09 26.78 -13.65
N ALA B 113 36.14 26.80 -12.73
CA ALA B 113 36.44 27.10 -11.34
C ALA B 113 37.19 25.96 -10.69
N LEU B 114 36.81 24.72 -10.99
CA LEU B 114 37.56 23.59 -10.46
C LEU B 114 38.97 23.55 -11.07
N ALA B 115 39.08 23.81 -12.38
CA ALA B 115 40.40 23.81 -13.03
C ALA B 115 41.34 24.83 -12.40
N ALA B 116 40.80 25.97 -11.98
CA ALA B 116 41.63 27.02 -11.41
C ALA B 116 42.18 26.59 -10.04
N ARG B 117 41.52 25.60 -9.44
CA ARG B 117 41.87 25.09 -8.13
C ARG B 117 42.59 23.75 -8.22
N ASN B 118 42.81 23.29 -9.46
CA ASN B 118 43.50 22.04 -9.71
C ASN B 118 42.79 20.85 -9.07
N LEU B 119 41.47 20.83 -9.25
CA LEU B 119 40.64 19.79 -8.67
C LEU B 119 40.03 18.90 -9.74
N ASP B 120 40.17 17.59 -9.53
CA ASP B 120 39.57 16.58 -10.40
C ASP B 120 38.06 16.57 -10.18
N VAL B 121 37.31 16.86 -11.23
CA VAL B 121 35.86 16.94 -11.10
C VAL B 121 35.26 15.61 -10.66
N SER B 122 35.97 14.52 -10.99
CA SER B 122 35.53 13.18 -10.61
C SER B 122 35.53 13.03 -9.09
N LYS B 123 36.26 13.90 -8.41
CA LYS B 123 36.43 13.78 -6.97
C LYS B 123 35.70 14.84 -6.17
N VAL B 124 34.88 15.65 -6.83
CA VAL B 124 34.22 16.77 -6.16
C VAL B 124 32.77 16.45 -5.90
N ARG B 125 32.45 16.23 -4.62
CA ARG B 125 31.07 16.08 -4.17
C ARG B 125 30.41 17.45 -4.06
N VAL B 126 29.10 17.49 -4.29
CA VAL B 126 28.35 18.73 -4.18
C VAL B 126 27.16 18.53 -3.26
N ALA B 127 27.17 19.18 -2.11
CA ALA B 127 26.03 19.11 -1.19
C ALA B 127 24.76 19.69 -1.81
N PRO B 128 23.65 18.93 -1.78
CA PRO B 128 22.37 19.44 -2.27
C PRO B 128 21.65 20.31 -1.24
N LEU B 129 21.93 21.60 -1.21
CA LEU B 129 21.44 22.47 -0.16
C LEU B 129 20.19 23.24 -0.55
N SER B 130 19.22 23.33 0.37
CA SER B 130 18.02 24.10 0.10
C SER B 130 18.38 25.55 -0.19
N ALA B 131 17.56 26.20 -1.01
CA ALA B 131 17.87 27.48 -1.61
C ALA B 131 17.36 28.69 -0.84
N GLY B 132 16.24 28.50 -0.13
CA GLY B 132 15.56 29.62 0.47
C GLY B 132 15.12 30.62 -0.60
N VAL B 133 14.85 31.85 -0.16
CA VAL B 133 14.43 32.89 -1.07
C VAL B 133 15.22 34.16 -0.81
N PHE B 134 15.93 34.64 -1.84
CA PHE B 134 16.69 35.86 -1.70
C PHE B 134 16.43 36.75 -2.92
N GLU B 135 17.49 37.27 -3.54
CA GLU B 135 17.31 38.35 -4.52
C GLU B 135 17.17 37.89 -5.98
N TYR B 136 17.13 36.59 -6.21
CA TYR B 136 17.20 36.06 -7.57
C TYR B 136 15.81 35.89 -8.18
N ALA B 137 15.38 36.91 -8.90
CA ALA B 137 14.03 36.97 -9.46
C ALA B 137 13.69 35.73 -10.26
N GLU B 138 14.66 35.22 -11.02
CA GLU B 138 14.40 34.09 -11.91
C GLU B 138 13.99 32.84 -11.15
N GLU B 139 14.23 32.82 -9.84
CA GLU B 139 14.01 31.61 -9.06
C GLU B 139 12.57 31.39 -8.62
N ARG B 140 11.75 32.44 -8.60
CA ARG B 140 10.39 32.25 -8.08
C ARG B 140 9.58 31.35 -9.01
N GLY B 141 9.05 30.28 -8.45
CA GLY B 141 8.33 29.27 -9.20
C GLY B 141 9.20 28.15 -9.71
N ARG B 142 10.51 28.30 -9.56
CA ARG B 142 11.46 27.28 -9.96
C ARG B 142 11.90 26.45 -8.77
N ARG B 143 12.10 25.15 -9.01
CA ARG B 143 12.61 24.24 -7.99
C ARG B 143 14.14 24.26 -8.02
N ILE B 144 14.71 24.98 -7.06
CA ILE B 144 16.15 25.25 -7.04
C ILE B 144 16.84 24.52 -5.90
N LEU B 145 18.07 24.07 -6.16
CA LEU B 145 18.99 23.65 -5.11
C LEU B 145 20.27 24.43 -5.30
N ARG B 146 20.98 24.69 -4.22
CA ARG B 146 22.29 25.33 -4.31
C ARG B 146 23.35 24.29 -3.97
N GLY B 147 24.51 24.41 -4.61
CA GLY B 147 25.58 23.45 -4.45
C GLY B 147 26.77 24.07 -3.76
N LEU B 148 27.29 23.40 -2.74
CA LEU B 148 28.62 23.73 -2.19
C LEU B 148 29.50 22.49 -2.32
N ALA B 149 30.76 22.69 -2.71
CA ALA B 149 31.63 21.59 -3.11
C ALA B 149 32.58 21.10 -2.01
N PHE B 150 32.82 19.80 -2.00
CA PHE B 150 33.72 19.15 -1.05
C PHE B 150 34.51 18.07 -1.76
N VAL B 151 35.83 18.02 -1.55
CA VAL B 151 36.64 17.03 -2.23
C VAL B 151 36.74 15.72 -1.49
N GLN B 152 36.49 14.63 -2.21
CA GLN B 152 36.62 13.29 -1.68
C GLN B 152 37.81 12.62 -2.38
N ASP B 153 38.94 12.47 -1.67
CA ASP B 153 40.18 11.94 -2.25
C ASP B 153 40.10 10.51 -2.75
N PHE B 154 39.24 9.72 -2.10
CA PHE B 154 38.99 8.32 -2.46
C PHE B 154 37.61 7.95 -1.94
N PRO B 155 37.09 6.78 -2.34
CA PRO B 155 35.67 6.45 -2.08
C PRO B 155 35.29 6.47 -0.60
N GLU B 156 36.25 6.20 0.29
CA GLU B 156 35.95 6.11 1.71
C GLU B 156 36.35 7.36 2.48
N ASP B 157 36.79 8.39 1.75
CA ASP B 157 37.28 9.63 2.34
C ASP B 157 36.13 10.49 2.87
N SER B 158 36.35 11.20 3.97
CA SER B 158 35.36 12.15 4.47
C SER B 158 35.54 13.50 3.76
N ALA B 159 34.59 13.84 2.89
CA ALA B 159 34.72 15.01 2.02
C ALA B 159 34.63 16.32 2.79
N TRP B 160 33.95 16.27 3.93
CA TRP B 160 33.80 17.42 4.81
C TRP B 160 35.13 18.02 5.26
N ALA B 161 36.17 17.18 5.29
CA ALA B 161 37.52 17.66 5.58
C ALA B 161 38.08 18.64 4.52
N HIS B 162 37.50 18.63 3.31
CA HIS B 162 38.05 19.37 2.17
C HIS B 162 37.01 20.26 1.46
N PRO B 163 36.50 21.28 2.17
CA PRO B 163 35.55 22.21 1.56
C PRO B 163 36.24 23.04 0.48
N VAL B 164 35.52 23.37 -0.57
CA VAL B 164 36.02 24.24 -1.65
C VAL B 164 35.33 25.59 -1.49
N ASP B 165 35.99 26.52 -0.80
CA ASP B 165 35.40 27.81 -0.51
C ASP B 165 35.51 28.75 -1.69
N GLY B 166 34.76 29.84 -1.65
CA GLY B 166 34.79 30.83 -2.72
C GLY B 166 33.98 30.44 -3.94
N LEU B 167 33.21 29.37 -3.82
CA LEU B 167 32.51 28.79 -4.97
C LEU B 167 31.13 28.26 -4.58
N VAL B 168 30.10 28.71 -5.27
CA VAL B 168 28.76 28.22 -5.01
C VAL B 168 28.02 28.19 -6.34
N ALA B 169 27.11 27.24 -6.52
CA ALA B 169 26.34 27.13 -7.76
C ALA B 169 24.86 27.00 -7.47
N TYR B 170 24.02 27.49 -8.38
CA TYR B 170 22.58 27.33 -8.23
C TYR B 170 22.06 26.52 -9.39
N VAL B 171 21.15 25.58 -9.14
CA VAL B 171 20.63 24.75 -10.22
C VAL B 171 19.11 24.58 -10.13
N ASP B 172 18.49 24.52 -11.30
CA ASP B 172 17.07 24.19 -11.42
C ASP B 172 16.98 22.69 -11.67
N VAL B 173 16.47 21.94 -10.70
CA VAL B 173 16.57 20.48 -10.75
C VAL B 173 15.51 19.84 -11.66
N VAL B 174 14.53 20.64 -12.07
CA VAL B 174 13.51 20.12 -12.96
C VAL B 174 13.91 20.35 -14.41
N SER B 175 14.33 21.58 -14.72
CA SER B 175 14.74 21.91 -16.09
C SER B 175 16.17 21.49 -16.42
N LYS B 176 16.89 20.99 -15.42
CA LYS B 176 18.27 20.55 -15.59
C LYS B 176 19.17 21.66 -16.10
N GLU B 177 18.98 22.85 -15.56
CA GLU B 177 19.78 24.02 -15.92
C GLU B 177 20.63 24.47 -14.75
N VAL B 178 21.87 24.84 -15.02
CA VAL B 178 22.67 25.53 -14.02
C VAL B 178 22.45 27.02 -14.21
N THR B 179 21.76 27.64 -13.24
CA THR B 179 21.31 29.03 -13.42
C THR B 179 22.43 30.03 -13.12
N ARG B 180 23.26 29.74 -12.12
CA ARG B 180 24.35 30.65 -11.77
C ARG B 180 25.53 29.89 -11.16
N VAL B 181 26.74 30.34 -11.48
CA VAL B 181 27.94 29.86 -10.81
C VAL B 181 28.73 31.05 -10.32
N ILE B 182 28.92 31.11 -9.00
CA ILE B 182 29.54 32.25 -8.36
C ILE B 182 30.88 31.87 -7.78
N ASP B 183 31.95 32.45 -8.32
CA ASP B 183 33.31 32.22 -7.85
C ASP B 183 33.87 33.53 -7.31
N THR B 184 34.04 33.63 -6.00
CA THR B 184 34.48 34.87 -5.36
C THR B 184 36.00 34.91 -5.16
N GLY B 185 36.67 33.80 -5.45
CA GLY B 185 38.11 33.74 -5.35
C GLY B 185 38.55 32.38 -4.85
N VAL B 186 39.80 32.03 -5.14
CA VAL B 186 40.36 30.76 -4.70
C VAL B 186 40.72 30.78 -3.21
N PHE B 187 40.21 29.80 -2.48
CA PHE B 187 40.66 29.51 -1.13
C PHE B 187 41.37 28.19 -1.10
N PRO B 188 42.46 28.08 -0.33
CA PRO B 188 43.09 26.77 -0.14
C PRO B 188 42.09 25.72 0.27
N VAL B 189 42.12 24.56 -0.37
CA VAL B 189 41.27 23.45 0.08
C VAL B 189 42.00 22.77 1.22
N PRO B 190 41.39 22.74 2.41
CA PRO B 190 42.05 22.17 3.59
C PRO B 190 42.58 20.78 3.31
N ALA B 191 43.81 20.49 3.73
CA ALA B 191 44.49 19.29 3.27
C ALA B 191 44.35 18.08 4.19
N GLU B 192 44.28 18.31 5.50
CA GLU B 192 44.19 17.20 6.44
C GLU B 192 42.96 16.38 6.19
N HIS B 193 43.05 15.07 6.33
CA HIS B 193 41.83 14.27 6.22
C HIS B 193 41.09 14.25 7.55
N GLY B 194 39.83 13.84 7.52
CA GLY B 194 39.02 13.77 8.72
C GLY B 194 38.43 12.39 8.85
N ASN B 195 39.25 11.38 8.54
CA ASN B 195 38.77 10.01 8.53
C ASN B 195 38.91 9.36 9.92
N TYR B 196 37.84 9.45 10.70
CA TYR B 196 37.83 9.03 12.10
C TYR B 196 37.90 7.53 12.28
N THR B 197 37.94 6.77 11.19
CA THR B 197 38.15 5.32 11.30
C THR B 197 39.57 4.92 10.88
N ASP B 198 40.38 5.92 10.55
CA ASP B 198 41.78 5.68 10.17
C ASP B 198 42.66 5.56 11.41
N PRO B 199 43.32 4.41 11.58
CA PRO B 199 44.22 4.15 12.72
C PRO B 199 45.30 5.20 12.86
N GLU B 200 45.68 5.81 11.73
CA GLU B 200 46.66 6.90 11.73
C GLU B 200 46.15 8.12 12.48
N LEU B 201 44.84 8.34 12.43
CA LEU B 201 44.22 9.48 13.11
C LEU B 201 43.72 9.09 14.50
N THR B 202 43.17 7.90 14.63
CA THR B 202 42.62 7.47 15.91
C THR B 202 43.72 7.08 16.90
N GLY B 203 44.83 6.59 16.38
CA GLY B 203 45.84 5.97 17.22
C GLY B 203 45.35 4.60 17.63
N PRO B 204 46.10 3.93 18.52
CA PRO B 204 45.69 2.61 18.98
C PRO B 204 44.38 2.72 19.75
N LEU B 205 43.42 1.84 19.48
CA LEU B 205 42.15 1.93 20.18
C LEU B 205 42.32 1.54 21.64
N ARG B 206 41.49 2.13 22.49
CA ARG B 206 41.50 1.84 23.92
C ARG B 206 41.20 0.41 24.24
N THR B 207 41.97 -0.15 25.17
CA THR B 207 41.73 -1.49 25.63
C THR B 207 41.19 -1.49 27.05
N THR B 208 40.82 -0.30 27.54
CA THR B 208 40.52 -0.13 28.95
C THR B 208 39.03 -0.20 29.30
N GLN B 209 38.16 -0.25 28.29
CA GLN B 209 36.73 -0.23 28.59
C GLN B 209 36.20 -1.63 28.83
N LYS B 210 35.82 -1.89 30.08
CA LYS B 210 35.20 -3.15 30.47
C LYS B 210 33.71 -3.10 30.17
N PRO B 211 33.09 -4.26 29.93
CA PRO B 211 31.69 -4.18 29.52
C PRO B 211 30.75 -3.77 30.65
N ILE B 212 29.66 -3.10 30.26
CA ILE B 212 28.54 -2.83 31.15
C ILE B 212 27.33 -3.57 30.59
N SER B 213 26.85 -4.55 31.34
CA SER B 213 25.73 -5.37 30.88
C SER B 213 24.43 -4.86 31.46
N ILE B 214 23.47 -4.60 30.60
CA ILE B 214 22.14 -4.19 31.05
C ILE B 214 21.12 -5.17 30.53
N THR B 215 20.51 -5.91 31.45
CA THR B 215 19.52 -6.93 31.10
C THR B 215 18.27 -6.80 31.94
N GLN B 216 17.21 -7.45 31.50
CA GLN B 216 15.98 -7.51 32.24
C GLN B 216 15.53 -8.95 32.31
N PRO B 217 15.87 -9.65 33.40
CA PRO B 217 15.66 -11.09 33.54
C PRO B 217 14.22 -11.51 33.28
N GLU B 218 13.27 -10.67 33.68
CA GLU B 218 11.86 -10.99 33.51
C GLU B 218 11.24 -10.25 32.33
N GLY B 219 12.07 -9.63 31.50
CA GLY B 219 11.58 -8.78 30.42
C GLY B 219 11.24 -7.38 30.89
N PRO B 220 10.75 -6.54 29.98
CA PRO B 220 10.42 -5.13 30.25
C PRO B 220 9.11 -4.93 30.99
N SER B 221 8.97 -3.77 31.62
CA SER B 221 7.81 -3.45 32.46
C SER B 221 6.66 -2.86 31.66
N PHE B 222 6.95 -2.47 30.42
CA PHE B 222 5.90 -1.93 29.55
C PHE B 222 5.32 -3.00 28.64
N THR B 223 4.07 -2.78 28.22
CA THR B 223 3.41 -3.66 27.28
C THR B 223 3.18 -2.92 25.98
N VAL B 224 3.24 -3.65 24.88
CA VAL B 224 2.96 -3.10 23.56
C VAL B 224 1.80 -3.89 22.98
N THR B 225 0.71 -3.20 22.68
CA THR B 225 -0.46 -3.86 22.09
C THR B 225 -0.92 -3.05 20.89
N GLY B 226 -1.64 -3.68 19.96
CA GLY B 226 -2.12 -2.98 18.80
C GLY B 226 -1.00 -2.42 17.93
N GLY B 227 0.19 -3.00 18.07
CA GLY B 227 1.32 -2.61 17.27
C GLY B 227 2.14 -1.48 17.86
N ASN B 228 1.46 -0.48 18.41
CA ASN B 228 2.12 0.77 18.81
C ASN B 228 1.52 1.43 20.06
N HIS B 229 0.69 0.70 20.80
CA HIS B 229 0.12 1.23 22.03
C HIS B 229 0.94 0.78 23.23
N ILE B 230 1.45 1.76 23.97
CA ILE B 230 2.35 1.47 25.08
C ILE B 230 1.65 1.74 26.41
N GLU B 231 1.80 0.81 27.34
CA GLU B 231 1.40 1.03 28.72
C GLU B 231 2.58 0.72 29.62
N TRP B 232 2.91 1.68 30.47
CA TRP B 232 4.09 1.56 31.32
C TRP B 232 3.92 2.43 32.55
N GLU B 233 3.91 1.79 33.72
CA GLU B 233 3.92 2.48 35.02
C GLU B 233 2.91 3.62 35.10
N LYS B 234 1.66 3.30 34.74
CA LYS B 234 0.49 4.18 34.77
C LYS B 234 0.37 5.10 33.55
N TRP B 235 1.40 5.17 32.72
CA TRP B 235 1.34 5.91 31.45
C TRP B 235 0.64 5.10 30.36
N SER B 236 -0.11 5.81 29.51
CA SER B 236 -0.74 5.26 28.32
C SER B 236 -0.42 6.21 27.14
N LEU B 237 -0.10 5.66 25.98
CA LEU B 237 0.15 6.49 24.78
C LEU B 237 0.24 5.61 23.54
N ASP B 238 0.20 6.26 22.38
CA ASP B 238 0.41 5.59 21.11
C ASP B 238 1.61 6.20 20.40
N VAL B 239 2.47 5.35 19.88
CA VAL B 239 3.68 5.82 19.20
C VAL B 239 3.42 5.84 17.71
N GLY B 240 3.34 7.05 17.15
CA GLY B 240 3.18 7.23 15.72
C GLY B 240 4.49 7.55 15.05
N PHE B 241 4.48 7.50 13.73
CA PHE B 241 5.66 7.86 12.97
C PHE B 241 5.23 8.52 11.67
N ASP B 242 5.82 9.67 11.37
CA ASP B 242 5.47 10.41 10.17
C ASP B 242 6.76 10.69 9.42
N VAL B 243 6.72 10.63 8.10
CA VAL B 243 7.95 10.75 7.35
C VAL B 243 8.58 12.16 7.48
N ARG B 244 7.77 13.16 7.76
CA ARG B 244 8.27 14.53 7.96
C ARG B 244 8.75 14.74 9.40
N GLU B 245 7.87 14.50 10.38
CA GLU B 245 8.18 14.78 11.79
C GLU B 245 9.00 13.70 12.49
N GLY B 246 8.93 12.46 12.02
CA GLY B 246 9.59 11.34 12.68
C GLY B 246 8.67 10.75 13.72
N VAL B 247 9.20 10.38 14.89
CA VAL B 247 8.34 9.84 15.94
C VAL B 247 7.41 10.91 16.53
N VAL B 248 6.13 10.56 16.58
CA VAL B 248 5.12 11.42 17.15
C VAL B 248 4.44 10.66 18.30
N LEU B 249 4.17 11.34 19.41
CA LEU B 249 3.45 10.69 20.51
C LEU B 249 1.99 11.13 20.51
N HIS B 250 1.08 10.16 20.65
CA HIS B 250 -0.35 10.44 20.71
C HIS B 250 -0.95 10.01 22.03
N ASN B 251 -1.94 10.76 22.48
CA ASN B 251 -2.79 10.31 23.60
C ASN B 251 -2.01 9.99 24.86
N ILE B 252 -1.09 10.87 25.22
CA ILE B 252 -0.31 10.69 26.44
C ILE B 252 -1.26 10.94 27.61
N ALA B 253 -1.43 9.92 28.44
CA ALA B 253 -2.35 10.00 29.58
C ALA B 253 -1.80 9.20 30.74
N PHE B 254 -2.38 9.42 31.92
CA PHE B 254 -1.84 8.83 33.15
C PHE B 254 -3.00 8.23 33.93
N ARG B 255 -2.84 6.98 34.35
CA ARG B 255 -3.86 6.29 35.13
C ARG B 255 -3.75 6.64 36.60
N ASP B 256 -4.58 7.59 37.02
CA ASP B 256 -4.60 8.05 38.41
C ASP B 256 -5.73 7.36 39.14
N GLY B 257 -5.39 6.31 39.88
CA GLY B 257 -6.40 5.52 40.56
C GLY B 257 -7.30 4.87 39.51
N ASP B 258 -8.58 5.24 39.53
CA ASP B 258 -9.57 4.57 38.69
C ASP B 258 -9.77 5.24 37.33
N ARG B 259 -9.18 6.41 37.11
CA ARG B 259 -9.43 7.12 35.87
C ARG B 259 -8.19 7.37 35.03
N LEU B 260 -8.36 7.22 33.72
CA LEU B 260 -7.32 7.54 32.76
C LEU B 260 -7.41 9.03 32.47
N ARG B 261 -6.38 9.77 32.87
CA ARG B 261 -6.39 11.23 32.76
C ARG B 261 -5.52 11.70 31.60
N PRO B 262 -6.12 12.41 30.63
CA PRO B 262 -5.29 12.88 29.52
C PRO B 262 -4.34 13.97 29.97
N ILE B 263 -3.22 14.09 29.28
CA ILE B 263 -2.25 15.13 29.56
C ILE B 263 -1.87 15.85 28.25
N ILE B 264 -1.35 15.09 27.29
CA ILE B 264 -0.99 15.66 26.00
C ILE B 264 -1.60 14.83 24.87
N ASN B 265 -2.38 15.48 24.01
CA ASN B 265 -3.04 14.80 22.90
C ASN B 265 -2.07 14.41 21.76
N ARG B 266 -1.13 15.30 21.46
CA ARG B 266 -0.15 15.01 20.42
C ARG B 266 1.13 15.80 20.69
N ALA B 267 2.25 15.09 20.65
CA ALA B 267 3.55 15.70 20.89
C ALA B 267 4.49 15.32 19.75
N SER B 268 5.13 16.33 19.14
CA SER B 268 6.04 16.11 18.06
C SER B 268 7.03 17.25 17.97
N ILE B 269 8.13 17.00 17.25
CA ILE B 269 9.01 18.06 16.80
C ILE B 269 8.55 18.45 15.40
N ALA B 270 7.93 19.62 15.28
CA ALA B 270 7.18 19.97 14.09
C ALA B 270 8.02 20.75 13.10
N GLU B 271 9.20 21.16 13.53
CA GLU B 271 10.16 21.80 12.64
C GLU B 271 11.49 21.82 13.32
N MET B 272 12.54 21.89 12.51
CA MET B 272 13.87 22.25 12.99
C MET B 272 14.58 23.01 11.89
N VAL B 273 15.42 23.96 12.29
CA VAL B 273 16.11 24.77 11.29
C VAL B 273 17.53 24.99 11.77
N VAL B 274 18.45 25.01 10.82
CA VAL B 274 19.85 25.25 11.09
C VAL B 274 20.32 26.45 10.28
N PRO B 275 20.25 27.65 10.87
CA PRO B 275 20.63 28.91 10.21
C PRO B 275 22.13 29.17 10.34
N TYR B 276 22.79 29.59 9.26
CA TYR B 276 24.22 29.88 9.33
C TYR B 276 24.50 31.38 9.43
N GLY B 277 25.56 31.69 10.18
CA GLY B 277 25.86 33.05 10.58
C GLY B 277 27.13 33.61 9.99
N ASP B 278 27.48 33.10 8.80
CA ASP B 278 28.66 33.52 8.06
C ASP B 278 28.21 34.44 6.95
N PRO B 279 28.68 35.70 6.96
CA PRO B 279 28.23 36.71 5.99
C PRO B 279 28.81 36.50 4.60
N SER B 280 29.69 35.50 4.43
CA SER B 280 30.18 35.21 3.08
C SER B 280 29.02 34.91 2.14
N PRO B 281 29.06 35.48 0.91
CA PRO B 281 28.02 35.16 -0.07
C PRO B 281 28.03 33.69 -0.43
N ILE B 282 29.11 33.00 -0.10
CA ILE B 282 29.19 31.58 -0.37
C ILE B 282 28.22 30.79 0.52
N ARG B 283 27.90 31.33 1.69
CA ARG B 283 27.07 30.60 2.64
C ARG B 283 25.99 31.43 3.32
N SER B 284 25.88 32.72 2.99
CA SER B 284 24.97 33.61 3.73
C SER B 284 23.49 33.30 3.47
N TRP B 285 23.21 32.51 2.44
CA TRP B 285 21.85 32.07 2.10
C TRP B 285 21.46 30.78 2.81
N GLN B 286 22.42 30.17 3.49
CA GLN B 286 22.29 28.79 3.98
C GLN B 286 21.47 28.67 5.26
N ASN B 287 20.30 28.03 5.16
CA ASN B 287 19.44 27.69 6.31
C ASN B 287 18.64 26.47 5.96
N TYR B 288 19.03 25.29 6.44
CA TYR B 288 18.22 24.14 6.05
C TYR B 288 17.26 23.72 7.16
N PHE B 289 16.02 23.50 6.74
CA PHE B 289 14.98 23.02 7.61
C PHE B 289 14.95 21.51 7.45
N ASP B 290 15.61 20.79 8.34
CA ASP B 290 15.72 19.36 8.13
C ASP B 290 14.35 18.69 8.17
N THR B 291 13.49 19.13 9.09
CA THR B 291 12.14 18.59 9.12
C THR B 291 11.29 19.05 7.93
N GLY B 292 11.10 20.36 7.77
CA GLY B 292 10.19 20.88 6.76
C GLY B 292 10.62 20.73 5.31
N GLU B 293 11.92 20.87 5.08
CA GLU B 293 12.47 20.83 3.72
C GLU B 293 12.98 19.45 3.36
N TYR B 294 13.53 18.69 4.31
CA TYR B 294 14.12 17.41 3.94
C TYR B 294 13.34 16.19 4.44
N LEU B 295 12.50 16.37 5.46
CA LEU B 295 11.70 15.29 6.06
C LEU B 295 12.58 14.29 6.82
N VAL B 296 12.71 14.48 8.12
CA VAL B 296 13.73 13.74 8.87
C VAL B 296 13.34 12.29 9.09
N GLY B 297 12.05 11.99 9.00
CA GLY B 297 11.58 10.63 9.17
C GLY B 297 12.09 9.69 8.09
N GLN B 298 12.17 10.17 6.86
CA GLN B 298 12.52 9.27 5.77
C GLN B 298 13.97 8.81 5.87
N TYR B 299 14.76 9.55 6.63
CA TYR B 299 16.18 9.25 6.79
C TYR B 299 16.47 8.64 8.17
N ALA B 300 15.42 8.21 8.87
CA ALA B 300 15.58 7.49 10.13
C ALA B 300 16.51 6.29 9.92
N ASN B 301 17.49 6.15 10.81
CA ASN B 301 18.47 5.08 10.75
C ASN B 301 17.91 3.72 11.21
N SER B 302 18.49 2.62 10.72
CA SER B 302 18.22 1.32 11.31
C SER B 302 19.16 1.09 12.50
N LEU B 303 18.57 0.96 13.67
CA LEU B 303 19.33 0.95 14.92
C LEU B 303 19.77 -0.45 15.32
N GLU B 304 21.02 -0.57 15.78
CA GLU B 304 21.59 -1.88 16.06
C GLU B 304 21.66 -2.16 17.56
N LEU B 305 21.22 -3.36 17.96
CA LEU B 305 21.31 -3.75 19.37
C LEU B 305 22.77 -3.74 19.82
N GLY B 306 22.97 -3.36 21.06
CA GLY B 306 24.32 -3.32 21.64
C GLY B 306 25.09 -2.08 21.25
N CYS B 307 24.63 -1.41 20.19
CA CYS B 307 25.34 -0.24 19.69
C CYS B 307 24.50 1.02 19.87
N ASP B 308 23.36 1.07 19.19
CA ASP B 308 22.48 2.24 19.26
C ASP B 308 21.60 2.20 20.50
N CYS B 309 21.01 1.04 20.75
CA CYS B 309 20.09 0.87 21.86
C CYS B 309 20.50 -0.33 22.71
N LEU B 310 20.85 -0.05 23.96
CA LEU B 310 21.41 -1.06 24.85
C LEU B 310 20.37 -1.50 25.88
N GLY B 311 20.36 -2.79 26.18
CA GLY B 311 19.44 -3.34 27.18
C GLY B 311 18.32 -4.13 26.54
N ASP B 312 17.21 -4.27 27.26
CA ASP B 312 16.06 -4.99 26.74
C ASP B 312 15.24 -4.07 25.85
N ILE B 313 15.45 -4.19 24.54
CA ILE B 313 14.89 -3.24 23.59
C ILE B 313 13.74 -3.81 22.79
N THR B 314 12.66 -3.04 22.70
CA THR B 314 11.53 -3.36 21.83
C THR B 314 11.54 -2.39 20.64
N TYR B 315 11.48 -2.92 19.43
CA TYR B 315 11.58 -2.07 18.25
C TYR B 315 10.24 -1.87 17.58
N LEU B 316 10.12 -0.76 16.87
CA LEU B 316 9.08 -0.57 15.88
C LEU B 316 9.74 -0.38 14.53
N SER B 317 9.12 -0.92 13.49
CA SER B 317 9.66 -0.79 12.14
C SER B 317 8.63 -0.10 11.25
N PRO B 318 8.64 1.25 11.25
CA PRO B 318 7.59 2.01 10.57
C PRO B 318 7.69 1.85 9.07
N VAL B 319 6.55 1.98 8.40
CA VAL B 319 6.55 1.92 6.94
C VAL B 319 6.31 3.30 6.36
N ILE B 320 7.03 3.62 5.30
CA ILE B 320 6.84 4.87 4.63
C ILE B 320 6.70 4.60 3.13
N SER B 321 6.37 5.65 2.38
CA SER B 321 6.29 5.52 0.93
C SER B 321 7.63 5.92 0.30
N ASP B 322 8.04 5.21 -0.74
CA ASP B 322 9.14 5.72 -1.55
C ASP B 322 8.59 6.72 -2.58
N ALA B 323 9.45 7.19 -3.48
CA ALA B 323 9.09 8.29 -4.35
C ALA B 323 8.12 7.84 -5.43
N PHE B 324 7.77 6.55 -5.43
CA PHE B 324 6.85 6.01 -6.42
C PHE B 324 5.56 5.48 -5.77
N GLY B 325 5.45 5.62 -4.46
CA GLY B 325 4.28 5.13 -3.75
C GLY B 325 4.36 3.69 -3.29
N ASN B 326 5.54 3.07 -3.41
CA ASN B 326 5.76 1.73 -2.88
C ASN B 326 6.10 1.80 -1.41
N PRO B 327 5.47 0.93 -0.59
CA PRO B 327 5.85 0.99 0.83
C PRO B 327 7.24 0.41 1.06
N ARG B 328 7.96 1.02 2.00
CA ARG B 328 9.25 0.51 2.41
C ARG B 328 9.37 0.62 3.92
N GLU B 329 9.88 -0.43 4.52
CA GLU B 329 10.01 -0.55 5.95
C GLU B 329 11.33 0.04 6.40
N ILE B 330 11.30 0.79 7.50
CA ILE B 330 12.52 1.22 8.15
C ILE B 330 12.72 0.27 9.32
N ARG B 331 13.54 -0.76 9.09
CA ARG B 331 13.70 -1.83 10.07
C ARG B 331 14.31 -1.28 11.35
N ASN B 332 13.65 -1.53 12.47
CA ASN B 332 14.25 -1.17 13.75
C ASN B 332 14.54 0.32 13.82
N GLY B 333 13.62 1.12 13.27
CA GLY B 333 13.76 2.56 13.21
C GLY B 333 13.37 3.25 14.51
N ILE B 334 12.59 2.58 15.34
CA ILE B 334 12.20 3.16 16.62
C ILE B 334 12.57 2.24 17.80
N CYS B 335 13.29 2.79 18.77
CA CYS B 335 13.69 2.07 19.99
C CYS B 335 12.75 2.38 21.12
N MET B 336 12.33 1.35 21.85
CA MET B 336 11.56 1.52 23.07
C MET B 336 12.15 0.67 24.18
N HIS B 337 12.36 1.27 25.35
CA HIS B 337 12.95 0.55 26.48
C HIS B 337 12.80 1.38 27.73
N GLU B 338 12.96 0.76 28.89
CA GLU B 338 12.95 1.51 30.14
C GLU B 338 14.37 1.54 30.68
N GLU B 339 14.73 2.69 31.25
CA GLU B 339 16.06 2.92 31.83
C GLU B 339 15.95 3.20 33.33
N ASP B 340 16.87 2.65 34.12
CA ASP B 340 17.00 3.08 35.52
C ASP B 340 17.38 4.55 35.54
N TRP B 341 16.85 5.30 36.50
CA TRP B 341 17.14 6.73 36.54
C TRP B 341 17.46 7.22 37.94
N GLY B 342 18.28 6.44 38.64
CA GLY B 342 18.83 6.86 39.92
C GLY B 342 17.79 6.88 41.02
N ILE B 343 17.99 7.78 41.97
CA ILE B 343 17.08 7.94 43.11
C ILE B 343 15.82 8.70 42.74
N LEU B 344 14.68 8.20 43.20
CA LEU B 344 13.39 8.83 42.98
C LEU B 344 13.03 9.72 44.15
N ALA B 345 13.16 9.15 45.34
CA ALA B 345 12.87 9.87 46.58
C ALA B 345 13.63 9.22 47.73
N LYS B 346 14.06 10.05 48.69
CA LYS B 346 14.87 9.59 49.81
C LYS B 346 14.71 10.49 51.03
N HIS B 347 14.48 9.88 52.20
CA HIS B 347 14.54 10.63 53.44
C HIS B 347 14.89 9.73 54.61
N SER B 348 15.82 10.20 55.44
CA SER B 348 16.20 9.52 56.66
C SER B 348 15.80 10.47 57.77
N ASP B 349 14.78 10.10 58.54
CA ASP B 349 14.20 11.05 59.48
C ASP B 349 14.70 10.92 60.92
N LEU B 350 15.12 12.05 61.47
CA LEU B 350 15.70 12.12 62.82
C LEU B 350 14.71 11.83 63.93
N TRP B 351 13.42 12.03 63.69
CA TRP B 351 12.43 11.87 64.76
C TRP B 351 11.64 10.58 64.65
N SER B 352 11.34 10.14 63.43
CA SER B 352 10.59 8.90 63.27
C SER B 352 11.50 7.70 63.21
N GLY B 353 12.77 7.93 62.88
CA GLY B 353 13.75 6.86 62.75
C GLY B 353 13.58 6.05 61.47
N ILE B 354 12.62 6.42 60.64
CA ILE B 354 12.38 5.69 59.41
C ILE B 354 13.34 6.14 58.34
N ASN B 355 14.00 5.18 57.70
CA ASN B 355 14.82 5.46 56.53
C ASN B 355 14.12 4.94 55.29
N TYR B 356 14.10 5.76 54.25
CA TYR B 356 13.25 5.52 53.08
C TYR B 356 14.04 5.85 51.83
N THR B 357 14.10 4.90 50.91
CA THR B 357 14.73 5.16 49.61
C THR B 357 13.95 4.45 48.49
N ARG B 358 13.66 5.18 47.42
CA ARG B 358 13.03 4.59 46.25
C ARG B 358 13.81 4.95 44.99
N ARG B 359 13.81 4.06 43.99
CA ARG B 359 14.52 4.38 42.74
C ARG B 359 13.57 4.81 41.67
N ASN B 360 14.12 5.58 40.74
CA ASN B 360 13.38 6.16 39.64
C ASN B 360 13.67 5.37 38.36
N ARG B 361 12.81 5.50 37.36
CA ARG B 361 13.09 4.97 36.04
C ARG B 361 12.30 5.77 35.00
N ARG B 362 12.72 5.67 33.75
CA ARG B 362 12.03 6.37 32.69
C ARG B 362 11.83 5.45 31.50
N MET B 363 10.72 5.66 30.81
CA MET B 363 10.40 5.00 29.56
C MET B 363 10.98 5.84 28.42
N VAL B 364 11.65 5.18 27.47
CA VAL B 364 12.31 5.92 26.40
C VAL B 364 11.77 5.51 25.04
N ILE B 365 11.45 6.50 24.21
CA ILE B 365 11.01 6.26 22.86
C ILE B 365 11.86 7.13 21.94
N SER B 366 12.70 6.50 21.13
CA SER B 366 13.65 7.28 20.36
C SER B 366 13.88 6.81 18.93
N PHE B 367 14.40 7.71 18.12
CA PHE B 367 14.89 7.35 16.79
C PHE B 367 16.09 8.23 16.50
N PHE B 368 16.83 7.88 15.45
CA PHE B 368 18.00 8.63 15.07
C PHE B 368 17.94 8.88 13.58
N THR B 369 18.30 10.09 13.15
CA THR B 369 18.19 10.40 11.74
C THR B 369 19.46 11.05 11.19
N THR B 370 19.64 10.97 9.87
CA THR B 370 20.81 11.52 9.23
C THR B 370 20.39 12.37 8.05
N ILE B 371 20.85 13.61 7.98
CA ILE B 371 20.57 14.42 6.81
C ILE B 371 21.86 15.10 6.33
N GLY B 372 22.57 14.47 5.41
CA GLY B 372 23.83 15.01 4.96
C GLY B 372 24.94 14.81 5.97
N ASN B 373 25.57 15.90 6.35
CA ASN B 373 26.66 15.82 7.31
C ASN B 373 26.16 15.62 8.75
N ASP B 375 23.71 14.37 12.05
CA ASP B 375 22.92 13.26 12.59
C ASP B 375 22.30 13.68 13.92
N TYR B 376 21.06 13.28 14.15
CA TYR B 376 20.35 13.64 15.37
C TYR B 376 19.61 12.47 15.97
N GLY B 377 19.67 12.39 17.30
CA GLY B 377 18.80 11.49 18.05
C GLY B 377 17.68 12.30 18.68
N PHE B 378 16.45 11.83 18.51
CA PHE B 378 15.29 12.43 19.16
C PHE B 378 14.77 11.46 20.20
N TYR B 379 14.70 11.92 21.45
CA TYR B 379 14.37 11.05 22.58
C TYR B 379 13.20 11.64 23.33
N TRP B 380 12.15 10.86 23.51
CA TRP B 380 11.09 11.22 24.46
C TRP B 380 11.18 10.37 25.72
N TYR B 381 11.00 11.01 26.85
CA TYR B 381 11.09 10.35 28.15
C TYR B 381 9.83 10.54 28.96
N LEU B 382 9.37 9.46 29.60
CA LEU B 382 8.25 9.47 30.55
C LEU B 382 8.78 8.98 31.88
N TYR B 383 8.64 9.77 32.94
CA TYR B 383 9.17 9.39 34.25
C TYR B 383 8.09 8.89 35.18
N LEU B 384 8.51 8.15 36.21
CA LEU B 384 7.56 7.64 37.18
C LEU B 384 6.75 8.75 37.81
N ASP B 385 7.37 9.92 38.04
CA ASP B 385 6.73 10.97 38.84
C ASP B 385 5.84 11.90 38.03
N GLY B 386 5.57 11.53 36.77
CA GLY B 386 4.73 12.34 35.90
C GLY B 386 5.44 13.28 34.93
N THR B 387 6.75 13.40 35.07
CA THR B 387 7.51 14.30 34.20
C THR B 387 7.55 13.75 32.78
N ILE B 388 7.44 14.65 31.83
CA ILE B 388 7.53 14.35 30.41
C ILE B 388 8.71 15.17 29.90
N GLU B 389 9.64 14.55 29.18
CA GLU B 389 10.81 15.28 28.71
C GLU B 389 11.17 14.92 27.27
N PHE B 390 11.69 15.90 26.54
CA PHE B 390 12.28 15.63 25.23
C PHE B 390 13.74 16.04 25.23
N GLU B 391 14.57 15.29 24.50
CA GLU B 391 15.97 15.62 24.35
C GLU B 391 16.40 15.34 22.91
N ALA B 392 17.03 16.32 22.28
CA ALA B 392 17.67 16.12 20.99
C ALA B 392 19.17 15.94 21.21
N LYS B 393 19.75 14.98 20.53
CA LYS B 393 21.19 14.78 20.61
C LYS B 393 21.80 15.05 19.25
N ALA B 394 22.62 16.10 19.18
CA ALA B 394 23.25 16.48 17.92
C ALA B 394 24.66 15.93 17.81
N THR B 395 24.94 15.28 16.69
CA THR B 395 26.27 14.75 16.43
C THR B 395 26.45 14.77 14.91
N GLY B 396 27.29 13.88 14.36
CA GLY B 396 27.60 13.94 12.95
C GLY B 396 28.91 14.69 12.71
N VAL B 397 29.01 15.27 11.53
CA VAL B 397 30.19 16.03 11.13
C VAL B 397 29.80 17.48 10.87
N VAL B 398 30.57 18.40 11.43
CA VAL B 398 30.26 19.82 11.33
C VAL B 398 30.37 20.28 9.87
N PHE B 399 29.51 21.22 9.49
CA PHE B 399 29.56 21.76 8.12
C PHE B 399 30.75 22.71 8.04
N THR B 400 31.62 22.48 7.06
CA THR B 400 32.93 23.13 7.05
C THR B 400 33.04 24.22 5.97
N SER B 401 34.09 25.03 6.09
CA SER B 401 34.45 26.04 5.10
C SER B 401 35.96 26.18 5.13
N ALA B 402 36.53 27.08 4.34
CA ALA B 402 37.92 27.47 4.61
C ALA B 402 37.95 28.37 5.84
N PHE B 403 39.11 28.42 6.50
CA PHE B 403 39.33 29.39 7.58
C PHE B 403 40.17 30.52 7.02
N PRO B 404 39.58 31.73 6.97
CA PRO B 404 40.25 32.88 6.34
C PRO B 404 41.59 33.18 6.98
N GLU B 405 42.56 33.53 6.14
CA GLU B 405 43.81 34.07 6.67
C GLU B 405 43.48 35.33 7.45
N GLY B 406 44.02 35.46 8.65
CA GLY B 406 43.74 36.63 9.46
C GLY B 406 42.53 36.45 10.35
N GLY B 407 41.87 35.30 10.23
CA GLY B 407 40.79 34.96 11.16
C GLY B 407 39.38 35.29 10.69
N SER B 408 38.42 35.12 11.59
CA SER B 408 37.02 35.40 11.26
C SER B 408 36.20 35.68 12.49
N ASP B 409 35.27 36.61 12.36
CA ASP B 409 34.29 36.87 13.40
C ASP B 409 33.10 35.93 13.32
N ASN B 410 33.04 35.12 12.26
CA ASN B 410 31.86 34.31 12.01
C ASN B 410 32.14 32.84 11.72
N ILE B 411 33.39 32.43 11.91
CA ILE B 411 33.85 31.09 11.64
C ILE B 411 34.91 30.70 12.67
N SER B 412 34.90 29.45 13.13
CA SER B 412 35.98 29.00 13.99
C SER B 412 36.89 28.02 13.24
N GLN B 413 38.14 27.90 13.70
CA GLN B 413 39.09 27.01 13.04
C GLN B 413 39.16 25.67 13.77
N LEU B 414 38.99 24.58 13.01
CA LEU B 414 38.95 23.23 13.55
C LEU B 414 40.23 22.46 13.30
N ALA B 415 40.92 22.82 12.22
CA ALA B 415 42.19 22.22 11.82
C ALA B 415 42.90 23.21 10.87
N PRO B 416 44.15 22.92 10.50
CA PRO B 416 44.86 23.89 9.66
C PRO B 416 44.11 24.25 8.38
N GLY B 417 43.66 25.51 8.32
CA GLY B 417 42.95 26.04 7.17
C GLY B 417 41.49 25.66 7.08
N LEU B 418 41.02 24.87 8.05
CA LEU B 418 39.66 24.34 8.06
C LEU B 418 38.76 25.16 8.97
N GLY B 419 37.69 25.71 8.42
CA GLY B 419 36.79 26.54 9.19
C GLY B 419 35.45 25.88 9.44
N ALA B 420 34.77 26.33 10.49
CA ALA B 420 33.42 25.88 10.77
C ALA B 420 32.55 27.10 11.03
N PRO B 421 31.73 27.48 10.04
CA PRO B 421 30.84 28.64 10.18
C PRO B 421 29.92 28.54 11.38
N PHE B 422 29.74 29.65 12.07
CA PHE B 422 28.81 29.71 13.19
C PHE B 422 27.40 29.41 12.70
N HIS B 423 26.59 28.81 13.56
CA HIS B 423 25.23 28.43 13.20
C HIS B 423 24.46 28.04 14.45
N GLN B 424 23.15 27.80 14.28
CA GLN B 424 22.29 27.32 15.36
C GLN B 424 21.53 26.07 14.90
N HIS B 425 21.09 25.26 15.86
CA HIS B 425 20.13 24.17 15.63
C HIS B 425 18.90 24.50 16.48
N ILE B 426 17.81 24.92 15.84
CA ILE B 426 16.65 25.37 16.60
C ILE B 426 15.43 24.51 16.26
N PHE B 427 14.85 23.92 17.30
CA PHE B 427 13.73 23.01 17.15
C PHE B 427 12.42 23.67 17.57
N SER B 428 11.32 23.16 17.05
CA SER B 428 9.99 23.53 17.51
C SER B 428 9.25 22.29 17.97
N ALA B 429 8.88 22.25 19.25
CA ALA B 429 8.03 21.17 19.77
C ALA B 429 6.59 21.62 19.72
N ARG B 430 5.75 20.87 19.00
CA ARG B 430 4.32 21.17 18.96
C ARG B 430 3.60 20.24 19.95
N LEU B 431 2.95 20.85 20.94
CA LEU B 431 2.28 20.12 22.00
C LEU B 431 0.80 20.46 22.02
N ASP B 432 0.02 19.61 21.38
CA ASP B 432 -1.43 19.70 21.42
C ASP B 432 -1.87 19.24 22.80
N MET B 433 -2.18 20.20 23.66
CA MET B 433 -2.41 19.92 25.08
C MET B 433 -3.80 19.33 25.34
N ALA B 434 -3.89 18.53 26.39
CA ALA B 434 -5.16 17.97 26.84
C ALA B 434 -5.10 17.68 28.34
N ILE B 435 -4.75 18.70 29.13
CA ILE B 435 -4.66 18.56 30.56
C ILE B 435 -6.05 18.25 31.12
N ASP B 436 -6.26 16.97 31.45
CA ASP B 436 -7.54 16.48 31.97
C ASP B 436 -8.65 16.77 30.99
N GLY B 437 -8.31 16.79 29.71
CA GLY B 437 -9.29 17.10 28.68
C GLY B 437 -8.85 18.29 27.86
N PHE B 438 -9.68 18.71 26.90
CA PHE B 438 -9.27 19.73 25.96
C PHE B 438 -9.51 21.17 26.42
N THR B 439 -10.22 21.37 27.53
CA THR B 439 -10.45 22.72 28.05
C THR B 439 -9.23 23.19 28.83
N ASN B 440 -8.30 23.86 28.14
CA ASN B 440 -7.00 24.22 28.70
C ASN B 440 -6.74 25.72 28.64
N ARG B 441 -5.81 26.20 29.46
CA ARG B 441 -5.34 27.57 29.34
C ARG B 441 -3.85 27.62 29.67
N VAL B 442 -3.17 28.67 29.22
CA VAL B 442 -1.76 28.84 29.58
C VAL B 442 -1.54 30.10 30.40
N GLU B 443 -0.71 29.95 31.44
CA GLU B 443 -0.28 31.07 32.24
C GLU B 443 1.22 31.21 32.17
N GLU B 444 1.68 32.45 32.11
CA GLU B 444 3.09 32.71 32.22
C GLU B 444 3.40 33.00 33.68
N GLU B 445 4.32 32.24 34.27
CA GLU B 445 4.65 32.43 35.68
C GLU B 445 6.05 33.00 35.84
N ASP B 446 6.13 34.16 36.50
CA ASP B 446 7.39 34.80 36.85
C ASP B 446 7.60 34.82 38.35
N VAL B 447 8.85 34.65 38.78
CA VAL B 447 9.22 34.96 40.15
C VAL B 447 9.04 36.47 40.37
N VAL B 448 8.59 36.84 41.57
CA VAL B 448 8.40 38.25 41.88
C VAL B 448 9.24 38.62 43.10
N ARG B 449 10.16 39.57 42.94
CA ARG B 449 10.94 40.03 44.09
C ARG B 449 10.17 41.10 44.84
N GLN B 450 10.41 41.19 46.14
CA GLN B 450 9.68 42.14 46.95
C GLN B 450 10.65 43.11 47.62
N THR B 451 10.20 44.34 47.81
CA THR B 451 11.05 45.36 48.42
C THR B 451 10.91 45.31 49.94
N MET B 452 12.04 45.50 50.62
CA MET B 452 12.05 45.54 52.07
C MET B 452 11.26 46.76 52.54
N GLY B 453 10.31 46.53 53.44
CA GLY B 453 9.46 47.60 53.93
C GLY B 453 8.29 47.03 54.72
N PRO B 454 7.23 47.82 54.91
CA PRO B 454 6.04 47.34 55.61
C PRO B 454 5.54 46.03 55.05
N GLY B 455 5.30 45.05 55.92
CA GLY B 455 4.86 43.74 55.49
C GLY B 455 6.01 42.87 55.03
N ASN B 456 7.22 43.46 54.99
CA ASN B 456 8.42 42.73 54.60
C ASN B 456 9.66 43.35 55.23
N GLU B 457 9.63 43.47 56.55
CA GLU B 457 10.58 44.27 57.30
C GLU B 457 11.99 43.71 57.26
N ARG B 458 12.11 42.40 57.14
CA ARG B 458 13.42 41.75 57.04
C ARG B 458 13.88 41.59 55.59
N GLY B 459 13.02 41.94 54.65
CA GLY B 459 13.42 41.94 53.25
C GLY B 459 13.81 40.57 52.75
N ASN B 460 13.09 39.56 53.22
CA ASN B 460 13.31 38.18 52.79
C ASN B 460 12.25 37.66 51.83
N ALA B 461 11.11 38.35 51.80
CA ALA B 461 9.94 37.85 51.10
C ALA B 461 10.21 37.75 49.61
N PHE B 462 9.69 36.69 49.01
CA PHE B 462 9.55 36.66 47.56
C PHE B 462 8.32 35.85 47.21
N SER B 463 7.84 36.06 45.99
CA SER B 463 6.56 35.55 45.57
C SER B 463 6.62 35.17 44.11
N ARG B 464 5.45 35.07 43.49
CA ARG B 464 5.33 34.64 42.10
C ARG B 464 4.11 35.34 41.54
N LYS B 465 4.05 35.50 40.23
CA LYS B 465 2.83 35.98 39.59
C LYS B 465 2.52 35.15 38.37
N ARG B 466 1.24 35.07 38.04
CA ARG B 466 0.78 34.32 36.89
C ARG B 466 -0.11 35.17 36.01
N THR B 467 0.18 35.15 34.71
CA THR B 467 -0.57 35.93 33.74
C THR B 467 -1.22 34.99 32.74
N VAL B 468 -2.55 35.00 32.70
CA VAL B 468 -3.25 34.17 31.72
C VAL B 468 -3.10 34.74 30.32
N LEU B 469 -2.78 33.86 29.38
CA LEU B 469 -2.78 34.23 27.96
C LEU B 469 -4.20 33.99 27.44
N THR B 470 -4.91 35.06 27.17
CA THR B 470 -6.34 34.96 26.88
C THR B 470 -6.66 34.93 25.39
N ARG B 471 -5.78 35.47 24.56
CA ARG B 471 -6.00 35.49 23.12
C ARG B 471 -4.67 35.33 22.40
N GLU B 472 -4.70 34.82 21.16
CA GLU B 472 -3.44 34.54 20.45
C GLU B 472 -2.57 35.80 20.26
N SER B 473 -3.18 36.98 20.19
CA SER B 473 -2.43 38.22 20.05
C SER B 473 -1.49 38.48 21.23
N GLU B 474 -1.75 37.85 22.37
CA GLU B 474 -0.86 38.01 23.51
C GLU B 474 -0.08 36.74 23.82
N ALA B 475 -0.07 35.78 22.88
CA ALA B 475 0.41 34.43 23.16
C ALA B 475 1.75 34.14 22.48
N VAL B 476 2.52 35.19 22.20
CA VAL B 476 3.88 35.04 21.68
C VAL B 476 4.86 35.50 22.76
N ARG B 477 5.41 34.55 23.50
CA ARG B 477 6.19 34.86 24.70
C ARG B 477 7.68 34.60 24.57
N GLU B 478 8.47 35.33 25.36
CA GLU B 478 9.91 35.10 25.41
C GLU B 478 10.34 34.56 26.76
N ALA B 479 11.51 33.94 26.77
CA ALA B 479 12.10 33.47 28.01
C ALA B 479 12.54 34.63 28.91
N ASP B 480 12.62 34.35 30.20
CA ASP B 480 13.25 35.27 31.14
C ASP B 480 13.83 34.41 32.25
N ALA B 481 15.00 33.86 31.98
CA ALA B 481 15.69 33.00 32.92
C ALA B 481 15.92 33.68 34.27
N ARG B 482 16.16 34.99 34.23
CA ARG B 482 16.55 35.70 35.44
C ARG B 482 15.40 35.74 36.45
N THR B 483 14.17 35.76 35.93
CA THR B 483 12.99 35.77 36.78
C THR B 483 12.30 34.42 36.85
N GLY B 484 13.05 33.37 36.54
CA GLY B 484 12.58 31.99 36.63
C GLY B 484 11.32 31.70 35.82
N ARG B 485 11.19 32.32 34.65
CA ARG B 485 9.94 32.22 33.90
C ARG B 485 9.62 30.82 33.35
N THR B 486 8.40 30.38 33.59
CA THR B 486 7.91 29.10 33.09
C THR B 486 6.51 29.33 32.55
N TRP B 487 5.91 28.30 31.96
CA TRP B 487 4.53 28.40 31.51
C TRP B 487 3.73 27.20 32.02
N ILE B 488 2.59 27.49 32.60
CA ILE B 488 1.72 26.46 33.15
C ILE B 488 0.53 26.25 32.23
N ILE B 489 0.31 25.01 31.80
CA ILE B 489 -0.92 24.66 31.11
C ILE B 489 -1.88 24.01 32.12
N SER B 490 -3.06 24.58 32.26
CA SER B 490 -4.01 24.11 33.26
C SER B 490 -5.38 23.89 32.66
N ASN B 491 -6.24 23.21 33.41
CA ASN B 491 -7.64 23.03 33.04
C ASN B 491 -8.48 23.76 34.08
N PRO B 492 -9.05 24.91 33.70
CA PRO B 492 -9.82 25.73 34.63
C PRO B 492 -11.09 25.04 35.14
N GLU B 493 -11.48 23.95 34.51
CA GLU B 493 -12.70 23.24 34.90
C GLU B 493 -12.42 21.93 35.61
N SER B 494 -11.14 21.61 35.82
CA SER B 494 -10.79 20.40 36.54
C SER B 494 -9.87 20.77 37.69
N LYS B 495 -10.35 20.58 38.91
CA LYS B 495 -9.57 21.00 40.06
C LYS B 495 -9.10 19.83 40.90
N ASN B 496 -7.97 20.01 41.57
CA ASN B 496 -7.45 18.97 42.46
C ASN B 496 -8.16 19.05 43.82
N ARG B 497 -7.78 18.18 44.74
CA ARG B 497 -8.52 18.09 46.00
C ARG B 497 -8.38 19.36 46.84
N LEU B 498 -7.42 20.22 46.50
CA LEU B 498 -7.27 21.48 47.21
C LEU B 498 -7.94 22.63 46.44
N ASN B 499 -8.81 22.26 45.50
CA ASN B 499 -9.62 23.22 44.75
C ASN B 499 -8.79 24.16 43.88
N GLU B 500 -7.72 23.64 43.30
CA GLU B 500 -6.91 24.39 42.35
C GLU B 500 -6.97 23.73 40.98
N PRO B 501 -7.04 24.53 39.90
CA PRO B 501 -7.01 23.97 38.55
C PRO B 501 -5.78 23.09 38.36
N VAL B 502 -5.98 21.89 37.84
CA VAL B 502 -4.85 20.98 37.64
C VAL B 502 -3.96 21.52 36.54
N GLY B 503 -2.65 21.37 36.68
CA GLY B 503 -1.75 21.95 35.70
C GLY B 503 -0.51 21.13 35.46
N TYR B 504 0.23 21.52 34.41
CA TYR B 504 1.55 20.99 34.08
C TYR B 504 2.43 22.18 33.77
N LYS B 505 3.65 22.19 34.29
CA LYS B 505 4.55 23.31 34.12
C LYS B 505 5.66 22.99 33.13
N LEU B 506 5.80 23.84 32.12
CA LEU B 506 6.87 23.71 31.13
C LEU B 506 8.16 24.43 31.56
N HIS B 507 9.25 23.67 31.68
CA HIS B 507 10.56 24.19 32.02
C HIS B 507 11.46 24.19 30.80
N ALA B 508 11.76 25.38 30.30
CA ALA B 508 12.64 25.57 29.16
C ALA B 508 14.08 25.63 29.61
N HIS B 509 15.00 25.39 28.69
CA HIS B 509 16.43 25.56 28.98
C HIS B 509 16.89 27.02 28.84
N ASN B 510 16.08 27.86 28.21
CA ASN B 510 16.38 29.28 28.06
C ASN B 510 17.67 29.55 27.28
N GLN B 511 17.92 28.69 26.31
CA GLN B 511 18.98 28.91 25.33
C GLN B 511 18.61 30.07 24.40
N PRO B 512 19.60 30.67 23.74
CA PRO B 512 19.29 31.77 22.82
C PRO B 512 18.36 31.35 21.67
N THR B 513 17.50 32.26 21.28
CA THR B 513 16.66 32.01 20.12
C THR B 513 17.33 32.55 18.84
N LEU B 514 16.58 32.69 17.74
CA LEU B 514 17.19 33.00 16.44
C LEU B 514 17.95 34.32 16.48
N LEU B 515 19.22 34.29 16.07
CA LEU B 515 20.07 35.47 16.20
C LEU B 515 20.02 36.41 15.01
N ALA B 516 19.60 35.90 13.86
CA ALA B 516 19.57 36.71 12.64
C ALA B 516 18.81 38.02 12.84
N ASP B 517 19.19 39.03 12.07
CA ASP B 517 18.52 40.33 12.09
C ASP B 517 17.03 40.13 11.79
N PRO B 518 16.16 40.89 12.47
CA PRO B 518 14.72 40.65 12.29
C PRO B 518 14.23 40.96 10.87
N GLY B 519 15.04 41.64 10.07
CA GLY B 519 14.63 41.98 8.71
C GLY B 519 15.09 40.99 7.68
N SER B 520 15.75 39.93 8.14
CA SER B 520 16.34 38.92 7.27
C SER B 520 15.31 37.94 6.74
N SER B 521 15.65 37.23 5.67
CA SER B 521 14.75 36.23 5.12
C SER B 521 14.47 35.13 6.12
N ILE B 522 15.51 34.70 6.83
CA ILE B 522 15.32 33.56 7.72
C ILE B 522 14.47 33.95 8.95
N ALA B 523 14.55 35.20 9.41
CA ALA B 523 13.66 35.62 10.49
C ALA B 523 12.20 35.60 10.04
N ARG B 524 11.97 35.81 8.74
CA ARG B 524 10.61 35.73 8.21
C ARG B 524 10.15 34.30 8.03
N ARG B 525 11.06 33.45 7.53
CA ARG B 525 10.70 32.08 7.18
C ARG B 525 10.72 31.15 8.36
N ALA B 526 11.50 31.52 9.39
CA ALA B 526 11.61 30.76 10.63
C ALA B 526 11.22 31.65 11.79
N ALA B 527 10.14 32.40 11.60
CA ALA B 527 9.65 33.30 12.64
C ALA B 527 9.47 32.58 13.96
N PHE B 528 9.06 31.32 13.92
CA PHE B 528 8.86 30.52 15.13
C PHE B 528 10.10 30.55 16.02
N ALA B 529 11.25 30.58 15.36
CA ALA B 529 12.51 30.43 16.04
C ALA B 529 12.91 31.69 16.79
N THR B 530 12.14 32.77 16.59
CA THR B 530 12.50 34.06 17.16
C THR B 530 11.93 34.24 18.57
N LYS B 531 11.02 33.36 18.97
CA LYS B 531 10.41 33.45 20.29
C LYS B 531 10.29 32.08 20.93
N ASP B 532 10.29 32.04 22.28
CA ASP B 532 10.38 30.78 23.00
C ASP B 532 9.08 30.00 23.13
N LEU B 533 7.95 30.69 23.24
CA LEU B 533 6.71 30.00 23.53
C LEU B 533 5.53 30.64 22.84
N TRP B 534 4.79 29.83 22.10
CA TRP B 534 3.63 30.27 21.37
C TRP B 534 2.44 29.42 21.76
N VAL B 535 1.27 30.04 21.90
CA VAL B 535 0.04 29.28 22.13
C VAL B 535 -0.95 29.61 21.05
N THR B 536 -1.45 28.58 20.37
CA THR B 536 -2.53 28.77 19.40
C THR B 536 -3.79 28.00 19.79
N ARG B 537 -4.89 28.42 19.21
CA ARG B 537 -6.11 27.64 19.21
C ARG B 537 -5.98 26.48 18.22
N TYR B 538 -6.33 25.27 18.65
CA TYR B 538 -6.25 24.10 17.79
C TYR B 538 -7.02 24.28 16.47
N ALA B 539 -6.37 23.92 15.37
CA ALA B 539 -7.01 23.84 14.06
C ALA B 539 -6.39 22.68 13.26
N ASP B 540 -7.23 21.94 12.56
CA ASP B 540 -6.81 20.73 11.85
C ASP B 540 -5.62 20.95 10.93
N ASP B 541 -5.61 22.10 10.27
CA ASP B 541 -4.67 22.34 9.18
C ASP B 541 -3.46 23.16 9.63
N GLU B 542 -3.39 23.44 10.92
CA GLU B 542 -2.25 24.16 11.46
C GLU B 542 -1.29 23.17 12.10
N ARG B 543 -0.42 22.61 11.26
CA ARG B 543 0.39 21.47 11.63
C ARG B 543 1.82 21.85 11.95
N TYR B 544 2.38 22.77 11.17
CA TYR B 544 3.79 23.09 11.30
C TYR B 544 4.01 24.57 11.55
N PRO B 545 5.05 24.89 12.34
CA PRO B 545 5.24 26.30 12.71
C PRO B 545 5.76 27.15 11.56
N THR B 546 6.10 26.48 10.46
CA THR B 546 6.64 27.10 9.25
C THR B 546 5.71 26.94 8.06
N GLY B 547 4.53 26.37 8.29
CA GLY B 547 3.60 26.13 7.20
C GLY B 547 3.86 24.81 6.50
N ASP B 548 3.04 24.50 5.47
CA ASP B 548 3.08 23.19 4.85
C ASP B 548 4.21 23.00 3.85
N PHE B 549 4.57 24.06 3.14
CA PHE B 549 5.58 24.00 2.08
C PHE B 549 6.69 24.99 2.36
N VAL B 550 7.67 24.55 3.14
CA VAL B 550 8.72 25.42 3.64
C VAL B 550 9.74 25.79 2.57
N ASN B 551 10.05 24.84 1.72
CA ASN B 551 11.04 25.02 0.66
C ASN B 551 10.75 26.22 -0.25
N GLN B 552 11.66 27.19 -0.25
CA GLN B 552 11.54 28.37 -1.12
C GLN B 552 10.27 29.17 -0.94
N HIS B 553 9.78 29.24 0.28
CA HIS B 553 8.69 30.15 0.55
C HIS B 553 9.23 31.45 1.13
N SER B 554 8.58 32.56 0.78
CA SER B 554 9.14 33.88 1.05
C SER B 554 9.03 34.35 2.51
N GLY B 555 8.20 33.70 3.31
CA GLY B 555 8.14 34.02 4.73
C GLY B 555 6.74 34.25 5.26
N GLY B 556 6.63 34.29 6.60
CA GLY B 556 5.35 34.58 7.24
C GLY B 556 4.40 33.40 7.42
N ALA B 557 4.69 32.28 6.79
CA ALA B 557 3.81 31.12 6.90
C ALA B 557 3.92 30.49 8.28
N GLY B 558 2.92 29.70 8.66
CA GLY B 558 2.99 29.01 9.92
C GLY B 558 2.54 29.90 11.06
N LEU B 559 3.26 29.83 12.17
CA LEU B 559 2.86 30.47 13.43
C LEU B 559 2.48 31.97 13.35
N PRO B 560 3.24 32.79 12.62
CA PRO B 560 2.82 34.19 12.53
C PRO B 560 1.42 34.33 11.92
N SER B 561 1.13 33.45 10.97
CA SER B 561 -0.14 33.48 10.26
C SER B 561 -1.26 32.95 11.16
N TYR B 562 -0.95 31.91 11.94
CA TYR B 562 -1.94 31.35 12.85
C TYR B 562 -2.29 32.35 13.94
N ILE B 563 -1.25 32.90 14.56
CA ILE B 563 -1.42 33.84 15.67
C ILE B 563 -2.23 35.07 15.25
N ALA B 564 -2.11 35.46 13.99
CA ALA B 564 -2.81 36.62 13.48
C ALA B 564 -4.33 36.49 13.54
N GLN B 565 -4.83 35.28 13.80
CA GLN B 565 -6.27 35.06 13.86
C GLN B 565 -6.83 35.52 15.20
N ASP B 566 -5.95 35.69 16.18
CA ASP B 566 -6.32 36.30 17.45
C ASP B 566 -7.51 35.60 18.09
N ARG B 567 -7.44 34.28 18.12
CA ARG B 567 -8.51 33.47 18.68
C ARG B 567 -8.46 33.37 20.20
N ASP B 568 -9.61 33.01 20.78
CA ASP B 568 -9.71 32.77 22.21
C ASP B 568 -8.94 31.51 22.61
N ILE B 569 -8.04 31.64 23.58
CA ILE B 569 -7.29 30.48 24.06
C ILE B 569 -7.48 30.25 25.57
N ASP B 570 -8.45 30.93 26.15
CA ASP B 570 -8.68 30.88 27.60
C ASP B 570 -9.73 29.84 27.94
N GLY B 571 -9.29 28.62 28.23
CA GLY B 571 -10.21 27.53 28.50
C GLY B 571 -10.75 26.98 27.19
N GLN B 572 -9.84 26.69 26.26
CA GLN B 572 -10.18 26.20 24.93
C GLN B 572 -9.21 25.08 24.52
N ASP B 573 -9.47 24.50 23.35
CA ASP B 573 -8.60 23.49 22.77
C ASP B 573 -7.34 24.17 22.22
N ILE B 574 -6.22 24.02 22.91
CA ILE B 574 -5.04 24.79 22.53
C ILE B 574 -3.79 23.96 22.27
N VAL B 575 -2.84 24.60 21.61
CA VAL B 575 -1.58 23.96 21.18
C VAL B 575 -0.44 24.87 21.62
N VAL B 576 0.52 24.29 22.33
CA VAL B 576 1.74 24.99 22.72
C VAL B 576 2.88 24.65 21.77
N TRP B 577 3.58 25.68 21.31
CA TRP B 577 4.73 25.51 20.42
C TRP B 577 5.94 26.07 21.13
N HIS B 578 6.86 25.20 21.53
CA HIS B 578 8.04 25.66 22.25
C HIS B 578 9.26 25.56 21.37
N THR B 579 9.94 26.71 21.24
CA THR B 579 11.16 26.86 20.47
C THR B 579 12.36 26.64 21.37
N PHE B 580 13.31 25.82 20.95
CA PHE B 580 14.51 25.55 21.77
C PHE B 580 15.65 25.09 20.88
N GLY B 581 16.87 25.51 21.18
CA GLY B 581 17.98 25.11 20.33
C GLY B 581 19.36 25.33 20.88
N LEU B 582 20.33 25.00 20.03
CA LEU B 582 21.72 25.14 20.37
C LEU B 582 22.36 26.23 19.51
N THR B 583 23.19 27.06 20.12
CA THR B 583 23.97 28.02 19.37
C THR B 583 25.39 27.49 19.31
N HIS B 584 25.87 27.22 18.10
CA HIS B 584 27.10 26.44 17.94
C HIS B 584 28.24 27.27 17.36
N PHE B 585 29.22 27.55 18.22
CA PHE B 585 30.52 28.08 17.80
C PHE B 585 31.46 26.88 17.84
N PRO B 586 31.71 26.25 16.69
CA PRO B 586 32.35 24.94 16.83
C PRO B 586 33.73 25.00 17.43
N ARG B 587 34.04 23.96 18.19
CA ARG B 587 35.31 23.86 18.88
C ARG B 587 36.16 22.79 18.22
N VAL B 588 37.46 22.87 18.46
CA VAL B 588 38.37 21.86 17.91
C VAL B 588 37.91 20.45 18.27
N GLU B 589 37.35 20.28 19.47
CA GLU B 589 36.92 18.97 19.92
C GLU B 589 35.75 18.40 19.11
N ASP B 590 35.11 19.23 18.30
CA ASP B 590 33.98 18.78 17.46
C ASP B 590 34.48 18.12 16.17
N TRP B 591 35.79 18.18 15.92
CA TRP B 591 36.40 17.70 14.67
C TRP B 591 37.29 16.48 14.96
N PRO B 592 37.25 15.45 14.11
CA PRO B 592 36.58 15.32 12.81
C PRO B 592 35.16 14.73 12.85
N ILE B 593 34.69 14.27 14.00
CA ILE B 593 33.30 13.86 14.15
C ILE B 593 32.91 14.34 15.53
N MET B 594 31.67 14.81 15.67
CA MET B 594 31.30 15.61 16.82
C MET B 594 30.73 14.78 17.98
N PRO B 595 31.34 14.93 19.17
CA PRO B 595 30.75 14.33 20.37
C PRO B 595 29.36 14.90 20.57
N VAL B 596 28.41 14.06 20.97
CA VAL B 596 27.03 14.48 21.15
C VAL B 596 26.91 15.71 22.06
N ASP B 597 26.07 16.66 21.64
CA ASP B 597 25.65 17.74 22.50
C ASP B 597 24.12 17.66 22.55
N THR B 598 23.51 18.20 23.59
CA THR B 598 22.08 18.02 23.80
C THR B 598 21.32 19.31 24.10
N VAL B 599 20.01 19.29 23.82
CA VAL B 599 19.14 20.36 24.23
C VAL B 599 17.73 19.78 24.32
N GLY B 600 16.87 20.41 25.10
CA GLY B 600 15.51 19.93 25.16
C GLY B 600 14.66 20.74 26.11
N PHE B 601 13.69 20.08 26.73
CA PHE B 601 12.73 20.74 27.60
C PHE B 601 12.00 19.68 28.40
N LYS B 602 11.24 20.11 29.41
CA LYS B 602 10.44 19.15 30.14
C LYS B 602 9.19 19.81 30.69
N LEU B 603 8.21 18.97 31.01
CA LEU B 603 7.02 19.42 31.70
C LEU B 603 6.84 18.58 32.94
N ARG B 604 6.54 19.23 34.06
CA ARG B 604 6.29 18.55 35.34
C ARG B 604 4.89 18.85 35.80
N PRO B 605 4.27 17.89 36.47
CA PRO B 605 2.93 18.14 37.01
C PRO B 605 2.96 19.28 38.03
N GLU B 606 1.91 20.09 38.06
CA GLU B 606 1.82 21.25 38.95
C GLU B 606 0.43 21.19 39.57
N GLY B 607 0.31 20.49 40.69
CA GLY B 607 -0.99 20.24 41.27
C GLY B 607 -1.93 19.47 40.36
N PHE B 608 -1.36 18.69 39.44
CA PHE B 608 -2.15 17.77 38.63
C PHE B 608 -2.72 16.67 39.54
N PHE B 609 -1.86 16.16 40.42
CA PHE B 609 -2.19 15.08 41.33
C PHE B 609 -2.56 15.64 42.70
N ASP B 610 -3.06 14.77 43.57
CA ASP B 610 -3.54 15.18 44.89
C ASP B 610 -2.45 15.02 45.95
N ARG B 611 -1.31 14.50 45.51
CA ARG B 611 -0.15 14.22 46.36
C ARG B 611 0.86 13.59 45.41
N SER B 612 2.06 13.26 45.88
CA SER B 612 3.02 12.54 45.03
C SER B 612 2.34 11.34 44.39
N PRO B 613 2.58 11.14 43.09
CA PRO B 613 2.01 9.99 42.38
C PRO B 613 2.91 8.75 42.45
N VAL B 614 3.96 8.77 43.25
CA VAL B 614 4.84 7.61 43.33
C VAL B 614 4.98 7.04 44.74
N LEU B 615 3.94 7.19 45.55
CA LEU B 615 3.98 6.65 46.91
C LEU B 615 3.80 5.13 46.89
N ASP B 616 3.28 4.60 45.78
CA ASP B 616 3.02 3.17 45.66
C ASP B 616 4.15 2.42 44.98
N VAL B 617 5.28 3.10 44.76
CA VAL B 617 6.45 2.45 44.20
C VAL B 617 7.10 1.54 45.24
N PRO B 618 7.32 0.27 44.85
CA PRO B 618 7.88 -0.77 45.72
C PRO B 618 9.28 -0.42 46.21
N ALA B 619 9.65 -0.95 47.37
CA ALA B 619 10.93 -0.62 48.02
C ALA B 619 12.15 -0.88 47.14
N ASN B 620 12.01 -1.79 46.18
CA ASN B 620 13.07 -2.15 45.24
C ASN B 620 14.04 -3.19 45.81
#